data_6VKP
#
_entry.id   6VKP
#
_cell.length_a   53.098
_cell.length_b   103.690
_cell.length_c   99.105
_cell.angle_alpha   90.000
_cell.angle_beta   89.940
_cell.angle_gamma   90.000
#
_symmetry.space_group_name_H-M   'P 1 21 1'
#
loop_
_entity.id
_entity.type
_entity.pdbx_description
1 polymer "DNA (5'-D(*GP*GP*GP*GP*GP*AP*AP*AP*GP*AP*TP*TP*CP*G)-3')"
2 polymer "DNA (5'-D(*TP*TP*CP*AP*TP*(A38)P*GP*AP*AP*TP*CP*TP*TP*TP*CP*CP*CP*CP*C)-3')"
3 polymer 'DNA polymerase IV'
4 non-polymer 'MAGNESIUM ION'
5 non-polymer "2'-deoxy-5'-O-[(R)-hydroxy{[(R)-hydroxy(phosphonooxy)phosphoryl]amino}phosphoryl]adenosine"
6 water water
#
loop_
_entity_poly.entity_id
_entity_poly.type
_entity_poly.pdbx_seq_one_letter_code
_entity_poly.pdbx_strand_id
1 'polydeoxyribonucleotide' (DG)(DG)(DG)(DG)(DG)(DA)(DA)(DA)(DG)(DA)(DT)(DT)(DC)(DG) P,B
2 'polydeoxyribonucleotide' (DT)(DT)(DC)(DA)(DT)(A38)(DG)(DA)(DA)(DT)(DC)(DT)(DT)(DT)(DC)(DC)(DC)(DC)(DC) T,C
3 'polypeptide(L)'
;MIVLFVDFDYFYAQVEEVLNPSLKGKPVVVCVFSGRFEDSGAVATANYEARKFGVKAGIPIVEAKKILPNAVYLPMRKEV
YQQVSSRIMNLLREYSEKIEIASIDEAYLDISDKVRDYREAYNLGLEIKNKILEKEKITVTVGISKNKVFAKIAADMAKP
NGIKVIDDEEVKRLIRELDIADVPGIGNITAEKLKKLGINKLVDTLSIEFDKLKGMIGEAKAKYLISLARDEYNEPIRTR
VRKSIGRIVTMKRNSRNLEEIKPYLFRAIEESYYKLDKRIPKAIHVVAVTEDLDIVSRGRTFPHGISKETAYSESVKLLQ
KILEEDERKIRRIGVRFSKFI
;
A,D
#
loop_
_chem_comp.id
_chem_comp.type
_chem_comp.name
_chem_comp.formula
A38 DNA linking '8-OXY DEOXYADENOSINE-5'-MONOPHOSPHATE' 'C10 H14 N5 O7 P'
DA DNA linking 2'-DEOXYADENOSINE-5'-MONOPHOSPHATE 'C10 H14 N5 O6 P'
DC DNA linking 2'-DEOXYCYTIDINE-5'-MONOPHOSPHATE 'C9 H14 N3 O7 P'
DG DNA linking 2'-DEOXYGUANOSINE-5'-MONOPHOSPHATE 'C10 H14 N5 O7 P'
DT DNA linking THYMIDINE-5'-MONOPHOSPHATE 'C10 H15 N2 O8 P'
DZ4 non-polymer 2'-deoxy-5'-O-[(R)-hydroxy{[(R)-hydroxy(phosphonooxy)phosphoryl]amino}phosphoryl]adenosine 'C10 H17 N6 O11 P3'
MG non-polymer 'MAGNESIUM ION' 'Mg 2'
#
# COMPACT_ATOMS: atom_id res chain seq x y z
P A38 B 6 7.92 8.66 -10.67
O1P A38 B 6 7.76 8.49 -12.15
O2P A38 B 6 7.08 7.94 -9.67
O5' A38 B 6 8.33 10.20 -10.35
C5' A38 B 6 7.54 11.21 -9.72
C4' A38 B 6 8.42 12.48 -9.67
O4' A38 B 6 9.75 12.15 -10.08
C3' A38 B 6 8.02 13.41 -10.80
O3' A38 B 6 6.94 14.30 -10.40
C2' A38 B 6 9.24 14.22 -11.04
C1' A38 B 6 10.30 13.45 -10.30
N9 A38 B 6 11.50 13.46 -11.13
C8 A38 B 6 11.71 12.89 -12.32
N7 A38 B 6 12.95 13.18 -12.75
C5 A38 B 6 13.51 13.94 -11.80
C6 A38 B 6 14.73 14.50 -11.70
N6 A38 B 6 15.60 14.28 -12.69
N1 A38 B 6 15.08 15.23 -10.63
C2 A38 B 6 14.15 15.44 -9.62
N3 A38 B 6 12.89 14.85 -9.72
C4 A38 B 6 12.60 14.12 -10.82
O A38 B 6 10.87 12.21 -12.92
N MET C 1 25.81 44.53 -5.05
CA MET C 1 24.81 44.06 -4.10
C MET C 1 25.40 43.38 -2.89
N ILE C 2 24.49 42.96 -2.00
CA ILE C 2 24.76 41.96 -0.98
C ILE C 2 23.66 40.90 -1.10
N VAL C 3 24.01 39.72 -1.65
CA VAL C 3 23.10 38.59 -1.79
C VAL C 3 23.45 37.53 -0.74
N LEU C 4 22.42 37.01 -0.08
CA LEU C 4 22.56 35.98 0.94
C LEU C 4 21.79 34.74 0.50
N PHE C 5 22.49 33.62 0.32
CA PHE C 5 21.89 32.38 -0.17
C PHE C 5 21.86 31.32 0.94
N VAL C 6 20.69 30.71 1.13
CA VAL C 6 20.51 29.65 2.12
C VAL C 6 20.00 28.39 1.42
N ASP C 7 20.68 27.26 1.65
CA ASP C 7 20.27 25.95 1.13
C ASP C 7 20.32 24.92 2.26
N PHE C 8 19.18 24.25 2.51
CA PHE C 8 19.07 23.34 3.64
C PHE C 8 19.91 22.09 3.42
N ASP C 9 20.51 21.59 4.49
CA ASP C 9 21.44 20.47 4.39
C ASP C 9 20.67 19.15 4.31
N TYR C 10 21.08 18.29 3.36
CA TYR C 10 20.48 16.99 3.11
C TYR C 10 18.98 16.96 3.51
N PHE C 11 18.20 17.86 2.88
CA PHE C 11 16.94 18.33 3.47
C PHE C 11 15.95 17.20 3.80
N TYR C 12 15.52 16.40 2.81
CA TYR C 12 14.47 15.40 3.11
C TYR C 12 14.95 14.40 4.16
N ALA C 13 16.18 13.90 4.01
CA ALA C 13 16.76 13.00 5.01
C ALA C 13 16.78 13.63 6.39
N GLN C 14 17.19 14.90 6.47
CA GLN C 14 17.28 15.56 7.77
C GLN C 14 15.89 15.77 8.41
N VAL C 15 14.84 15.95 7.60
CA VAL C 15 13.50 16.09 8.17
C VAL C 15 13.06 14.78 8.79
N GLU C 16 13.33 13.66 8.13
CA GLU C 16 13.03 12.37 8.71
C GLU C 16 13.80 12.15 10.03
N GLU C 17 15.05 12.62 10.09
CA GLU C 17 15.77 12.55 11.36
C GLU C 17 15.19 13.47 12.41
N VAL C 18 14.66 14.62 12.02
CA VAL C 18 14.03 15.47 13.02
C VAL C 18 12.77 14.81 13.55
N LEU C 19 12.05 14.10 12.67
CA LEU C 19 10.81 13.46 13.06
C LEU C 19 11.04 12.12 13.75
N ASN C 20 12.22 11.53 13.56
CA ASN C 20 12.55 10.22 14.15
C ASN C 20 14.01 10.25 14.59
N PRO C 21 14.28 10.90 15.72
CA PRO C 21 15.68 11.15 16.13
C PRO C 21 16.54 9.89 16.25
N SER C 22 15.95 8.70 16.38
CA SER C 22 16.79 7.51 16.46
C SER C 22 17.52 7.19 15.14
N LEU C 23 17.38 8.04 14.10
CA LEU C 23 18.11 7.83 12.86
C LEU C 23 19.48 8.51 12.87
N LYS C 24 19.68 9.51 13.71
CA LYS C 24 20.95 10.23 13.73
C LYS C 24 22.10 9.26 13.98
N GLY C 25 23.07 9.24 13.08
CA GLY C 25 24.22 8.36 13.23
C GLY C 25 24.28 7.22 12.21
N LYS C 26 23.09 6.76 11.74
CA LYS C 26 23.00 5.74 10.68
C LYS C 26 22.86 6.42 9.32
N PRO C 27 23.25 5.74 8.23
CA PRO C 27 23.01 6.34 6.91
C PRO C 27 21.54 6.23 6.56
N VAL C 28 20.95 7.35 6.12
CA VAL C 28 19.54 7.42 5.76
C VAL C 28 19.42 7.72 4.28
N VAL C 29 18.53 6.99 3.62
CA VAL C 29 18.26 7.12 2.19
C VAL C 29 16.76 7.41 2.01
N VAL C 30 16.44 8.49 1.29
CA VAL C 30 15.04 8.81 0.99
C VAL C 30 14.76 8.47 -0.46
N CYS C 31 13.72 7.67 -0.70
CA CYS C 31 13.56 7.03 -1.99
C CYS C 31 12.24 7.40 -2.66
N VAL C 32 12.32 7.50 -3.98
CA VAL C 32 11.15 7.63 -4.84
C VAL C 32 10.95 6.27 -5.48
N PHE C 33 10.11 5.46 -4.83
CA PHE C 33 9.72 4.16 -5.36
C PHE C 33 8.77 4.30 -6.54
N SER C 34 9.03 3.56 -7.60
CA SER C 34 8.31 3.67 -8.87
C SER C 34 7.22 2.61 -9.04
N GLY C 35 7.37 1.43 -8.44
CA GLY C 35 6.33 0.43 -8.43
C GLY C 35 6.41 -0.63 -9.51
N ARG C 36 7.50 -0.70 -10.26
CA ARG C 36 7.66 -1.76 -11.26
C ARG C 36 8.07 -3.06 -10.61
N PHE C 37 8.96 -3.01 -9.63
CA PHE C 37 9.30 -4.18 -8.86
C PHE C 37 9.66 -3.73 -7.45
N GLU C 38 10.00 -4.69 -6.60
CA GLU C 38 10.49 -4.35 -5.28
C GLU C 38 11.78 -3.55 -5.42
N ASP C 39 11.77 -2.32 -4.89
CA ASP C 39 12.96 -1.46 -4.82
C ASP C 39 13.35 -0.86 -6.17
N SER C 40 12.46 -0.88 -7.16
CA SER C 40 12.63 0.01 -8.32
C SER C 40 12.41 1.47 -7.94
N GLY C 41 13.08 2.37 -8.67
CA GLY C 41 13.01 3.79 -8.41
C GLY C 41 14.38 4.40 -8.21
N ALA C 42 14.40 5.59 -7.60
CA ALA C 42 15.62 6.40 -7.47
C ALA C 42 15.66 7.04 -6.10
N VAL C 43 16.87 7.43 -5.70
CA VAL C 43 17.14 8.10 -4.42
C VAL C 43 16.85 9.59 -4.55
N ALA C 44 15.96 10.12 -3.70
CA ALA C 44 15.77 11.57 -3.70
C ALA C 44 16.97 12.28 -3.08
N THR C 45 17.35 11.90 -1.86
CA THR C 45 18.59 12.32 -1.24
C THR C 45 19.01 11.29 -0.19
N ALA C 46 20.27 11.38 0.24
CA ALA C 46 20.73 10.66 1.41
C ALA C 46 21.49 11.61 2.31
N ASN C 47 21.54 11.27 3.61
CA ASN C 47 22.34 12.08 4.52
C ASN C 47 23.83 11.85 4.26
N TYR C 48 24.65 12.58 5.02
CA TYR C 48 26.07 12.63 4.70
C TYR C 48 26.78 11.34 5.08
N GLU C 49 26.25 10.56 6.04
CA GLU C 49 26.82 9.25 6.28
C GLU C 49 26.74 8.38 5.04
N ALA C 50 25.56 8.32 4.40
CA ALA C 50 25.40 7.50 3.20
C ALA C 50 26.16 8.05 2.00
N ARG C 51 26.42 9.36 1.97
CA ARG C 51 27.12 9.89 0.81
C ARG C 51 28.57 9.40 0.76
N LYS C 52 29.16 9.11 1.92
CA LYS C 52 30.55 8.65 1.93
C LYS C 52 30.75 7.41 1.08
N PHE C 53 29.73 6.56 0.98
CA PHE C 53 29.80 5.34 0.18
C PHE C 53 29.21 5.51 -1.24
N GLY C 54 29.05 6.74 -1.72
CA GLY C 54 28.56 6.94 -3.07
C GLY C 54 27.05 6.92 -3.24
N VAL C 55 26.28 6.79 -2.15
CA VAL C 55 24.82 6.82 -2.24
C VAL C 55 24.37 8.28 -2.21
N LYS C 56 24.08 8.86 -3.37
CA LYS C 56 23.67 10.26 -3.49
C LYS C 56 22.36 10.35 -4.29
N ALA C 57 21.90 11.58 -4.50
CA ALA C 57 20.65 11.81 -5.21
C ALA C 57 20.75 11.40 -6.68
N GLY C 58 19.70 10.75 -7.18
CA GLY C 58 19.61 10.38 -8.56
C GLY C 58 19.88 8.92 -8.87
N ILE C 59 20.59 8.20 -8.01
CA ILE C 59 21.06 6.85 -8.38
C ILE C 59 19.99 5.82 -8.08
N PRO C 60 20.01 4.66 -8.75
CA PRO C 60 18.95 3.67 -8.53
C PRO C 60 18.96 3.16 -7.10
N ILE C 61 17.76 2.83 -6.62
CA ILE C 61 17.64 2.30 -5.27
C ILE C 61 18.33 0.94 -5.16
N VAL C 62 18.28 0.14 -6.23
CA VAL C 62 18.97 -1.15 -6.23
C VAL C 62 20.48 -0.95 -6.06
N GLU C 63 21.06 -0.01 -6.80
CA GLU C 63 22.47 0.34 -6.63
C GLU C 63 22.76 0.81 -5.20
N ALA C 64 21.88 1.61 -4.62
CA ALA C 64 22.12 2.02 -3.24
C ALA C 64 22.09 0.83 -2.30
N LYS C 65 21.27 -0.17 -2.59
CA LYS C 65 21.16 -1.28 -1.65
C LYS C 65 22.34 -2.25 -1.77
N LYS C 66 22.90 -2.42 -2.98
CA LYS C 66 24.14 -3.19 -3.14
C LYS C 66 25.30 -2.59 -2.36
N ILE C 67 25.33 -1.26 -2.21
CA ILE C 67 26.36 -0.64 -1.41
C ILE C 67 26.02 -0.71 0.07
N LEU C 68 24.89 -0.13 0.46
CA LEU C 68 24.50 -0.04 1.86
C LEU C 68 23.23 -0.85 2.07
N PRO C 69 23.35 -2.18 2.10
CA PRO C 69 22.15 -3.01 2.28
C PRO C 69 21.42 -2.70 3.56
N ASN C 70 22.13 -2.42 4.64
CA ASN C 70 21.44 -2.25 5.90
C ASN C 70 21.39 -0.79 6.35
N ALA C 71 21.48 0.14 5.40
CA ALA C 71 21.00 1.49 5.63
C ALA C 71 19.47 1.47 5.79
N VAL C 72 18.94 2.50 6.44
CA VAL C 72 17.49 2.68 6.51
C VAL C 72 17.02 3.36 5.22
N TYR C 73 15.98 2.78 4.60
CA TYR C 73 15.40 3.29 3.36
C TYR C 73 13.98 3.74 3.66
N LEU C 74 13.72 5.05 3.53
CA LEU C 74 12.40 5.62 3.75
C LEU C 74 11.78 6.12 2.45
N PRO C 75 10.46 6.01 2.30
CA PRO C 75 9.80 6.57 1.12
C PRO C 75 9.66 8.08 1.24
N MET C 76 9.76 8.72 0.08
CA MET C 76 9.69 10.16 -0.04
C MET C 76 8.29 10.66 0.31
N ARG C 77 8.17 11.40 1.42
CA ARG C 77 6.93 12.09 1.79
C ARG C 77 7.06 13.59 1.51
N LYS C 78 6.91 13.96 0.23
CA LYS C 78 7.20 15.33 -0.18
C LYS C 78 6.27 16.35 0.47
N GLU C 79 5.00 15.99 0.69
CA GLU C 79 4.06 16.93 1.30
C GLU C 79 4.53 17.35 2.70
N VAL C 80 5.13 16.43 3.45
CA VAL C 80 5.69 16.79 4.74
C VAL C 80 6.85 17.77 4.56
N TYR C 81 7.72 17.50 3.59
CA TYR C 81 8.89 18.35 3.44
C TYR C 81 8.50 19.74 2.95
N GLN C 82 7.49 19.82 2.09
CA GLN C 82 7.03 21.11 1.60
C GLN C 82 6.48 21.96 2.74
N GLN C 83 5.80 21.33 3.69
CA GLN C 83 5.28 22.08 4.82
C GLN C 83 6.39 22.63 5.70
N VAL C 84 7.41 21.84 5.97
CA VAL C 84 8.51 22.32 6.80
C VAL C 84 9.32 23.39 6.06
N SER C 85 9.41 23.30 4.73
CA SER C 85 10.19 24.28 4.00
C SER C 85 9.43 25.61 3.91
N SER C 86 8.11 25.55 3.71
CA SER C 86 7.28 26.76 3.80
C SER C 86 7.51 27.48 5.11
N ARG C 87 7.59 26.74 6.22
CA ARG C 87 7.75 27.40 7.51
C ARG C 87 9.14 28.03 7.64
N ILE C 88 10.15 27.42 7.03
CA ILE C 88 11.48 28.02 7.03
C ILE C 88 11.53 29.19 6.03
N MET C 89 10.78 29.13 4.93
CA MET C 89 10.74 30.28 4.04
C MET C 89 10.03 31.48 4.67
N ASN C 90 9.00 31.22 5.46
CA ASN C 90 8.34 32.33 6.15
C ASN C 90 9.27 32.98 7.15
N LEU C 91 10.12 32.18 7.80
CA LEU C 91 11.19 32.74 8.63
C LEU C 91 12.15 33.61 7.81
N LEU C 92 12.37 33.26 6.54
CA LEU C 92 13.31 34.00 5.70
C LEU C 92 12.73 35.30 5.13
N ARG C 93 11.41 35.33 4.80
CA ARG C 93 10.77 36.60 4.45
C ARG C 93 10.81 37.64 5.58
N GLU C 94 11.38 37.37 6.74
CA GLU C 94 11.53 38.38 7.78
C GLU C 94 12.87 39.10 7.71
N TYR C 95 13.79 38.64 6.88
CA TYR C 95 15.09 39.27 6.82
C TYR C 95 15.29 40.09 5.56
N SER C 96 14.29 40.12 4.67
CA SER C 96 14.16 40.93 3.48
C SER C 96 12.86 40.44 2.87
N GLU C 97 12.18 41.27 2.11
CA GLU C 97 11.06 40.71 1.37
C GLU C 97 11.40 40.61 -0.11
N LYS C 98 12.54 41.20 -0.51
CA LYS C 98 13.17 40.77 -1.74
C LYS C 98 13.76 39.38 -1.51
N ILE C 99 13.04 38.36 -1.96
CA ILE C 99 13.44 36.99 -1.71
C ILE C 99 13.13 36.16 -2.95
N GLU C 100 14.14 35.41 -3.42
CA GLU C 100 13.99 34.49 -4.55
C GLU C 100 13.98 33.08 -4.00
N ILE C 101 12.84 32.41 -4.07
CA ILE C 101 12.71 31.02 -3.63
C ILE C 101 12.93 30.16 -4.86
N ALA C 102 14.09 29.49 -4.93
CA ALA C 102 14.56 28.87 -6.18
C ALA C 102 14.39 27.36 -6.22
N SER C 103 14.32 26.68 -5.08
CA SER C 103 13.97 25.26 -5.04
C SER C 103 13.13 25.02 -3.79
N ILE C 104 12.84 23.74 -3.51
CA ILE C 104 12.19 23.43 -2.25
C ILE C 104 13.07 23.73 -1.03
N ASP C 105 14.37 24.01 -1.22
CA ASP C 105 15.21 24.12 -0.03
C ASP C 105 16.23 25.26 -0.16
N GLU C 106 16.06 26.16 -1.12
CA GLU C 106 16.98 27.23 -1.40
C GLU C 106 16.22 28.54 -1.42
N ALA C 107 16.89 29.61 -1.00
CA ALA C 107 16.35 30.94 -1.21
C ALA C 107 17.51 31.93 -1.32
N TYR C 108 17.34 32.90 -2.22
CA TYR C 108 18.25 34.03 -2.33
C TYR C 108 17.64 35.25 -1.66
N LEU C 109 18.47 35.97 -0.91
CA LEU C 109 18.04 37.14 -0.13
C LEU C 109 18.83 38.35 -0.57
N ASP C 110 18.11 39.40 -0.97
CA ASP C 110 18.67 40.73 -1.28
C ASP C 110 18.73 41.54 0.02
N ILE C 111 19.86 41.45 0.72
CA ILE C 111 19.97 42.10 2.01
C ILE C 111 20.76 43.40 1.87
N SER C 112 20.63 44.06 0.72
CA SER C 112 21.37 45.30 0.52
C SER C 112 20.79 46.45 1.34
N ASP C 113 19.46 46.52 1.46
CA ASP C 113 18.77 47.50 2.29
C ASP C 113 18.71 47.11 3.77
N LYS C 114 19.55 46.18 4.24
CA LYS C 114 19.43 45.63 5.59
C LYS C 114 20.74 45.48 6.35
N VAL C 115 21.91 45.39 5.72
CA VAL C 115 23.17 45.54 6.42
C VAL C 115 24.13 46.34 5.55
N ARG C 116 25.35 46.49 6.08
CA ARG C 116 26.34 47.44 5.59
C ARG C 116 27.46 46.82 4.75
N ASP C 117 28.14 45.83 5.28
CA ASP C 117 29.32 45.23 4.66
C ASP C 117 29.25 43.72 4.89
N TYR C 118 30.35 43.01 4.57
CA TYR C 118 30.26 41.55 4.56
C TYR C 118 30.30 40.99 5.98
N ARG C 119 31.07 41.62 6.88
CA ARG C 119 31.00 41.23 8.30
C ARG C 119 29.62 41.50 8.89
N GLU C 120 28.86 42.42 8.32
CA GLU C 120 27.48 42.63 8.73
C GLU C 120 26.53 41.60 8.14
N ALA C 121 26.89 40.99 7.02
CA ALA C 121 26.08 39.93 6.46
C ALA C 121 26.47 38.56 7.03
N TYR C 122 27.77 38.31 7.22
CA TYR C 122 28.20 37.09 7.90
C TYR C 122 27.52 36.94 9.26
N ASN C 123 27.20 38.06 9.92
CA ASN C 123 26.59 37.93 11.23
C ASN C 123 25.07 37.78 11.12
N LEU C 124 24.43 38.52 10.22
CA LEU C 124 23.05 38.18 9.89
C LEU C 124 22.92 36.70 9.50
N GLY C 125 23.92 36.18 8.78
CA GLY C 125 23.90 34.77 8.42
C GLY C 125 23.83 33.85 9.63
N LEU C 126 24.68 34.12 10.63
CA LEU C 126 24.61 33.32 11.85
C LEU C 126 23.31 33.57 12.60
N GLU C 127 22.76 34.77 12.49
CA GLU C 127 21.43 35.01 13.04
C GLU C 127 20.42 34.07 12.39
N ILE C 128 20.51 33.86 11.08
CA ILE C 128 19.52 33.06 10.38
C ILE C 128 19.73 31.58 10.66
N LYS C 129 20.97 31.12 10.69
CA LYS C 129 21.23 29.73 11.03
C LYS C 129 20.72 29.40 12.43
N ASN C 130 21.01 30.27 13.41
CA ASN C 130 20.55 30.01 14.78
C ASN C 130 19.03 30.05 14.86
N LYS C 131 18.41 31.03 14.22
CA LYS C 131 16.95 31.09 14.29
C LYS C 131 16.33 29.86 13.64
N ILE C 132 16.99 29.32 12.60
CA ILE C 132 16.46 28.14 11.94
C ILE C 132 16.74 26.88 12.77
N LEU C 133 17.94 26.77 13.33
CA LEU C 133 18.29 25.64 14.19
C LEU C 133 17.37 25.50 15.38
N GLU C 134 16.88 26.63 15.93
CA GLU C 134 16.02 26.55 17.11
C GLU C 134 14.55 26.35 16.73
N LYS C 135 14.04 27.13 15.75
CA LYS C 135 12.60 27.03 15.42
C LYS C 135 12.23 25.72 14.76
N GLU C 136 13.16 25.08 14.06
CA GLU C 136 12.81 23.91 13.27
C GLU C 136 13.88 22.83 13.29
N LYS C 137 14.96 23.00 14.04
CA LYS C 137 15.99 21.97 14.22
C LYS C 137 16.74 21.60 12.95
N ILE C 138 16.61 22.38 11.86
CA ILE C 138 17.32 22.08 10.61
C ILE C 138 18.59 22.91 10.53
N THR C 139 19.72 22.24 10.32
CA THR C 139 20.92 22.95 9.91
C THR C 139 20.87 23.28 8.41
N VAL C 140 21.52 24.40 8.06
CA VAL C 140 21.52 24.94 6.70
C VAL C 140 22.92 25.45 6.40
N THR C 141 23.15 25.82 5.15
CA THR C 141 24.41 26.42 4.73
C THR C 141 24.13 27.76 4.06
N VAL C 142 25.00 28.74 4.33
CA VAL C 142 24.81 30.13 3.91
C VAL C 142 25.98 30.55 3.01
N GLY C 143 25.66 31.14 1.88
CA GLY C 143 26.64 31.75 1.02
C GLY C 143 26.31 33.21 0.83
N ILE C 144 27.33 34.06 0.93
CA ILE C 144 27.16 35.50 0.77
C ILE C 144 28.24 36.01 -0.18
N SER C 145 27.84 36.84 -1.13
CA SER C 145 28.76 37.38 -2.14
C SER C 145 28.00 38.50 -2.83
N LYS C 146 28.57 39.00 -3.94
CA LYS C 146 28.10 40.22 -4.57
C LYS C 146 26.99 39.96 -5.59
N ASN C 147 26.70 38.71 -5.91
CA ASN C 147 25.58 38.37 -6.79
C ASN C 147 25.08 36.98 -6.43
N LYS C 148 23.96 36.60 -7.06
CA LYS C 148 23.34 35.31 -6.80
C LYS C 148 24.27 34.14 -7.10
N VAL C 149 25.04 34.21 -8.19
CA VAL C 149 25.86 33.08 -8.64
C VAL C 149 26.95 32.76 -7.61
N PHE C 150 27.72 33.77 -7.20
CA PHE C 150 28.82 33.52 -6.26
C PHE C 150 28.31 33.30 -4.84
N ALA C 151 27.06 33.69 -4.57
CA ALA C 151 26.39 33.29 -3.34
C ALA C 151 26.22 31.77 -3.30
N LYS C 152 25.67 31.20 -4.37
CA LYS C 152 25.48 29.76 -4.40
C LYS C 152 26.82 29.05 -4.30
N ILE C 153 27.78 29.45 -5.14
CA ILE C 153 29.14 28.89 -5.07
C ILE C 153 29.66 28.93 -3.64
N ALA C 154 29.41 30.03 -2.92
CA ALA C 154 29.91 30.15 -1.56
C ALA C 154 29.36 29.04 -0.67
N ALA C 155 28.04 28.80 -0.73
CA ALA C 155 27.43 27.75 0.06
C ALA C 155 27.86 26.37 -0.40
N ASP C 156 28.07 26.18 -1.70
CA ASP C 156 28.54 24.90 -2.17
C ASP C 156 29.89 24.53 -1.53
N MET C 157 30.75 25.52 -1.31
CA MET C 157 32.04 25.24 -0.68
C MET C 157 31.88 25.02 0.83
N ALA C 158 31.04 25.81 1.48
CA ALA C 158 30.80 25.72 2.91
C ALA C 158 29.98 24.51 3.35
N LYS C 159 29.75 23.51 2.47
CA LYS C 159 28.78 22.54 2.96
C LYS C 159 29.48 21.35 3.59
N PRO C 160 28.92 20.76 4.66
CA PRO C 160 27.63 21.06 5.27
C PRO C 160 27.74 21.94 6.51
N ASN C 161 26.60 22.31 7.07
CA ASN C 161 26.49 23.20 8.24
C ASN C 161 27.55 24.30 8.25
N GLY C 162 27.50 25.15 7.22
CA GLY C 162 28.54 26.12 6.99
C GLY C 162 27.97 27.50 6.70
N ILE C 163 28.89 28.46 6.62
CA ILE C 163 28.58 29.84 6.24
C ILE C 163 29.85 30.49 5.73
N LYS C 164 29.87 30.86 4.44
CA LYS C 164 31.06 31.37 3.80
C LYS C 164 30.74 32.65 3.05
N VAL C 165 31.66 33.61 3.14
CA VAL C 165 31.61 34.86 2.39
C VAL C 165 32.61 34.76 1.26
N ILE C 166 32.19 35.14 0.06
CA ILE C 166 33.11 35.40 -1.02
C ILE C 166 33.08 36.91 -1.27
N ASP C 167 34.16 37.60 -0.90
CA ASP C 167 34.22 39.04 -1.10
C ASP C 167 34.76 39.33 -2.51
N ASP C 168 34.93 40.62 -2.79
CA ASP C 168 35.23 41.05 -4.15
C ASP C 168 36.61 40.61 -4.60
N GLU C 169 37.56 40.46 -3.67
CA GLU C 169 38.87 40.01 -4.11
C GLU C 169 38.86 38.52 -4.43
N GLU C 170 38.13 37.70 -3.64
CA GLU C 170 38.09 36.29 -4.01
C GLU C 170 37.26 36.06 -5.26
N VAL C 171 36.24 36.88 -5.49
CA VAL C 171 35.50 36.80 -6.75
C VAL C 171 36.45 36.97 -7.93
N LYS C 172 37.40 37.90 -7.81
CA LYS C 172 38.40 38.06 -8.86
C LYS C 172 39.34 36.85 -8.89
N ARG C 173 39.73 36.35 -7.71
CA ARG C 173 40.57 35.16 -7.66
C ARG C 173 39.90 33.99 -8.36
N LEU C 174 38.60 33.80 -8.10
CA LEU C 174 37.88 32.64 -8.58
C LEU C 174 37.56 32.75 -10.06
N ILE C 175 37.43 33.97 -10.59
CA ILE C 175 37.26 34.10 -12.03
C ILE C 175 38.49 33.57 -12.75
N ARG C 176 39.63 33.53 -12.07
CA ARG C 176 40.85 32.97 -12.63
C ARG C 176 41.05 31.51 -12.27
N GLU C 177 40.61 31.09 -11.09
CA GLU C 177 41.07 29.84 -10.50
C GLU C 177 40.05 28.71 -10.48
N LEU C 178 38.74 29.02 -10.37
CA LEU C 178 37.73 27.98 -10.20
C LEU C 178 37.47 27.23 -11.50
N ASP C 179 37.41 25.89 -11.43
CA ASP C 179 37.08 25.11 -12.62
C ASP C 179 35.70 25.52 -13.10
N ILE C 180 35.60 25.80 -14.41
CA ILE C 180 34.35 26.34 -14.93
C ILE C 180 33.20 25.33 -14.78
N ALA C 181 33.53 24.06 -14.64
CA ALA C 181 32.49 23.05 -14.43
C ALA C 181 31.71 23.27 -13.15
N ASP C 182 32.27 24.00 -12.19
CA ASP C 182 31.64 24.23 -10.89
C ASP C 182 30.80 25.50 -10.86
N VAL C 183 30.66 26.18 -11.99
CA VAL C 183 29.76 27.32 -12.09
C VAL C 183 28.31 26.79 -12.22
N PRO C 184 27.38 27.34 -11.45
CA PRO C 184 25.96 26.94 -11.62
C PRO C 184 25.48 27.08 -13.06
N GLY C 185 24.67 26.12 -13.50
CA GLY C 185 24.21 26.10 -14.87
C GLY C 185 25.11 25.35 -15.84
N ILE C 186 26.30 24.93 -15.41
CA ILE C 186 27.24 24.25 -16.28
C ILE C 186 27.20 22.78 -15.90
N GLY C 187 26.53 21.97 -16.71
CA GLY C 187 26.48 20.54 -16.49
C GLY C 187 27.63 19.84 -17.18
N ASN C 188 27.52 18.52 -17.26
CA ASN C 188 28.58 17.78 -17.92
C ASN C 188 28.62 18.05 -19.42
N ILE C 189 27.46 18.16 -20.07
CA ILE C 189 27.47 18.40 -21.52
C ILE C 189 28.09 19.73 -21.86
N THR C 190 27.72 20.80 -21.14
CA THR C 190 28.39 22.07 -21.36
C THR C 190 29.87 21.99 -21.00
N ALA C 191 30.20 21.30 -19.90
CA ALA C 191 31.55 21.34 -19.37
C ALA C 191 32.58 20.73 -20.33
N GLU C 192 32.19 19.72 -21.10
CA GLU C 192 33.15 19.15 -22.04
C GLU C 192 33.21 19.92 -23.34
N LYS C 193 32.10 20.52 -23.78
CA LYS C 193 32.22 21.43 -24.92
C LYS C 193 33.21 22.56 -24.63
N LEU C 194 33.30 22.98 -23.37
CA LEU C 194 34.24 24.03 -23.02
C LEU C 194 35.67 23.51 -22.99
N LYS C 195 35.89 22.28 -22.51
CA LYS C 195 37.26 21.78 -22.48
C LYS C 195 37.76 21.55 -23.91
N LYS C 196 36.91 20.99 -24.80
CA LYS C 196 37.22 20.88 -26.22
C LYS C 196 37.47 22.23 -26.91
N LEU C 197 37.33 23.34 -26.19
CA LEU C 197 37.79 24.64 -26.67
C LEU C 197 38.93 25.18 -25.82
N GLY C 198 39.45 24.36 -24.89
CA GLY C 198 40.49 24.80 -24.01
C GLY C 198 40.04 25.79 -22.97
N ILE C 199 38.74 25.86 -22.68
CA ILE C 199 38.22 26.74 -21.66
C ILE C 199 38.06 25.94 -20.36
N ASN C 200 38.81 26.34 -19.32
CA ASN C 200 38.81 25.68 -18.02
C ASN C 200 38.54 26.63 -16.87
N LYS C 201 38.71 27.94 -17.06
CA LYS C 201 38.39 28.96 -16.07
C LYS C 201 37.47 29.97 -16.72
N LEU C 202 36.80 30.77 -15.88
CA LEU C 202 35.86 31.76 -16.40
C LEU C 202 36.56 32.79 -17.30
N VAL C 203 37.80 33.13 -16.95
CA VAL C 203 38.54 34.17 -17.65
C VAL C 203 38.86 33.77 -19.09
N ASP C 204 39.00 32.46 -19.34
CA ASP C 204 39.31 32.01 -20.69
C ASP C 204 38.22 32.37 -21.68
N THR C 205 37.01 32.64 -21.20
CA THR C 205 35.93 33.09 -22.07
C THR C 205 36.15 34.52 -22.58
N LEU C 206 37.01 35.29 -21.92
CA LEU C 206 37.32 36.62 -22.43
C LEU C 206 38.35 36.55 -23.54
N SER C 207 39.03 35.41 -23.68
CA SER C 207 40.13 35.26 -24.62
C SER C 207 39.72 34.62 -25.94
N ILE C 208 38.51 34.11 -26.02
CA ILE C 208 38.05 33.40 -27.21
C ILE C 208 37.11 34.31 -27.97
N GLU C 209 37.11 34.18 -29.30
CA GLU C 209 36.14 34.91 -30.11
C GLU C 209 34.73 34.50 -29.69
N PHE C 210 33.82 35.48 -29.73
CA PHE C 210 32.48 35.24 -29.19
C PHE C 210 31.70 34.24 -30.04
N ASP C 211 31.70 34.42 -31.35
CA ASP C 211 30.84 33.59 -32.20
C ASP C 211 31.26 32.13 -32.17
N LYS C 212 32.56 31.86 -31.97
CA LYS C 212 32.99 30.47 -31.76
C LYS C 212 32.43 29.93 -30.45
N LEU C 213 32.46 30.75 -29.38
CA LEU C 213 31.86 30.34 -28.12
C LEU C 213 30.35 30.19 -28.27
N LYS C 214 29.70 31.16 -28.91
CA LYS C 214 28.26 31.11 -29.11
C LYS C 214 27.85 29.90 -29.94
N GLY C 215 28.68 29.53 -30.94
CA GLY C 215 28.33 28.39 -31.76
C GLY C 215 28.39 27.06 -31.05
N MET C 216 29.18 26.96 -29.97
CA MET C 216 29.37 25.69 -29.29
C MET C 216 28.45 25.51 -28.08
N ILE C 217 28.26 26.53 -27.25
CA ILE C 217 27.45 26.41 -26.04
C ILE C 217 26.17 27.22 -26.09
N GLY C 218 25.90 27.92 -27.19
CA GLY C 218 24.72 28.73 -27.30
C GLY C 218 24.94 30.20 -26.93
N GLU C 219 24.08 31.06 -27.47
CA GLU C 219 24.21 32.49 -27.20
C GLU C 219 23.96 32.82 -25.72
N ALA C 220 22.92 32.23 -25.12
CA ALA C 220 22.58 32.57 -23.74
C ALA C 220 23.67 32.14 -22.76
N LYS C 221 24.19 30.91 -22.90
CA LYS C 221 25.21 30.44 -21.97
C LYS C 221 26.53 31.17 -22.17
N ALA C 222 26.82 31.60 -23.40
CA ALA C 222 28.04 32.37 -23.66
C ALA C 222 27.98 33.72 -22.94
N LYS C 223 26.88 34.47 -23.13
CA LYS C 223 26.77 35.77 -22.50
C LYS C 223 26.78 35.63 -20.99
N TYR C 224 26.13 34.57 -20.49
CA TYR C 224 26.14 34.33 -19.04
C TYR C 224 27.57 34.13 -18.53
N LEU C 225 28.35 33.25 -19.17
CA LEU C 225 29.73 33.05 -18.73
C LEU C 225 30.58 34.32 -18.86
N ILE C 226 30.45 35.05 -19.98
CA ILE C 226 31.28 36.23 -20.17
C ILE C 226 30.97 37.31 -19.13
N SER C 227 29.68 37.49 -18.79
CA SER C 227 29.35 38.52 -17.81
C SER C 227 29.86 38.17 -16.44
N LEU C 228 29.95 36.88 -16.12
CA LEU C 228 30.59 36.46 -14.88
C LEU C 228 32.09 36.72 -14.93
N ALA C 229 32.69 36.52 -16.09
CA ALA C 229 34.13 36.76 -16.22
C ALA C 229 34.49 38.25 -16.14
N ARG C 230 33.55 39.13 -16.46
CA ARG C 230 33.80 40.57 -16.38
C ARG C 230 33.43 41.17 -15.04
N ASP C 231 32.98 40.37 -14.09
CA ASP C 231 32.42 40.86 -12.83
C ASP C 231 31.23 41.79 -13.08
N GLU C 232 30.61 41.66 -14.24
CA GLU C 232 29.45 42.46 -14.61
C GLU C 232 28.13 41.77 -14.29
N TYR C 233 28.14 40.49 -13.92
CA TYR C 233 26.90 39.76 -13.67
C TYR C 233 26.16 40.43 -12.51
N ASN C 234 25.03 41.05 -12.82
CA ASN C 234 24.15 41.61 -11.81
C ASN C 234 22.73 41.30 -12.23
N GLU C 235 22.02 40.53 -11.41
CA GLU C 235 20.67 40.14 -11.76
C GLU C 235 19.79 40.25 -10.53
N PRO C 236 18.56 40.73 -10.69
CA PRO C 236 17.74 41.04 -9.51
C PRO C 236 17.27 39.77 -8.83
N ILE C 237 17.26 39.82 -7.50
CA ILE C 237 16.51 38.84 -6.73
C ILE C 237 15.04 39.12 -6.97
N ARG C 238 14.33 38.20 -7.62
CA ARG C 238 12.94 38.46 -7.97
C ARG C 238 12.04 37.31 -7.54
N THR C 239 10.78 37.66 -7.31
CA THR C 239 9.77 36.71 -6.83
C THR C 239 9.35 35.81 -7.98
N ARG C 240 9.61 34.52 -7.84
CA ARG C 240 9.32 33.62 -8.95
C ARG C 240 7.89 33.14 -8.83
N VAL C 241 7.21 33.04 -9.97
CA VAL C 241 5.82 32.60 -10.04
C VAL C 241 5.77 31.33 -10.90
N ARG C 242 5.12 30.30 -10.38
CA ARG C 242 5.14 29.03 -11.07
C ARG C 242 4.52 29.16 -12.46
N LYS C 243 5.27 28.75 -13.50
CA LYS C 243 4.82 28.84 -14.88
C LYS C 243 4.38 27.51 -15.46
N SER C 244 4.71 26.39 -14.80
CA SER C 244 4.22 25.07 -15.18
C SER C 244 3.73 24.34 -13.94
N ILE C 245 2.80 23.41 -14.17
CA ILE C 245 2.30 22.52 -13.13
C ILE C 245 1.96 21.22 -13.83
N GLY C 246 2.54 20.12 -13.38
CA GLY C 246 2.29 18.85 -14.05
C GLY C 246 2.55 17.69 -13.11
N ARG C 247 2.40 16.50 -13.67
CA ARG C 247 2.64 15.28 -12.94
C ARG C 247 3.06 14.22 -13.97
N ILE C 248 3.96 13.33 -13.59
CA ILE C 248 4.37 12.24 -14.48
C ILE C 248 4.51 10.96 -13.65
N VAL C 249 4.03 9.84 -14.20
CA VAL C 249 4.06 8.58 -13.46
C VAL C 249 4.79 7.50 -14.26
N THR C 250 5.15 6.46 -13.53
CA THR C 250 5.76 5.27 -14.08
C THR C 250 4.73 4.15 -14.11
N MET C 251 4.59 3.53 -15.28
CA MET C 251 3.68 2.40 -15.49
C MET C 251 4.34 1.10 -15.05
N LYS C 252 3.52 0.22 -14.48
CA LYS C 252 4.05 -1.01 -13.88
C LYS C 252 4.75 -1.89 -14.91
N ARG C 253 4.37 -1.79 -16.19
CA ARG C 253 5.13 -2.44 -17.26
C ARG C 253 5.10 -1.56 -18.50
N ASN C 254 6.16 -1.69 -19.30
CA ASN C 254 6.26 -0.93 -20.56
C ASN C 254 5.14 -1.32 -21.51
N SER C 255 4.60 -0.34 -22.21
CA SER C 255 3.39 -0.59 -22.99
C SER C 255 3.25 0.44 -24.10
N ARG C 256 2.46 0.08 -25.12
CA ARG C 256 2.00 1.08 -26.08
C ARG C 256 0.54 0.85 -26.42
N ASN C 257 -0.19 0.21 -25.53
CA ASN C 257 -1.63 0.02 -25.68
C ASN C 257 -2.34 1.25 -25.12
N LEU C 258 -3.11 1.94 -25.97
CA LEU C 258 -3.83 3.12 -25.51
C LEU C 258 -4.71 2.81 -24.29
N GLU C 259 -5.45 1.71 -24.33
CA GLU C 259 -6.35 1.42 -23.21
C GLU C 259 -5.59 1.15 -21.92
N GLU C 260 -4.38 0.63 -22.00
CA GLU C 260 -3.61 0.31 -20.81
C GLU C 260 -2.89 1.53 -20.21
N ILE C 261 -2.47 2.46 -21.06
CA ILE C 261 -1.80 3.68 -20.59
C ILE C 261 -2.82 4.64 -19.97
N LYS C 262 -4.05 4.64 -20.46
CA LYS C 262 -5.03 5.67 -20.08
C LYS C 262 -5.21 5.89 -18.58
N PRO C 263 -5.32 4.86 -17.72
CA PRO C 263 -5.49 5.16 -16.29
C PRO C 263 -4.35 5.97 -15.70
N TYR C 264 -3.10 5.55 -15.96
CA TYR C 264 -1.90 6.33 -15.62
C TYR C 264 -2.02 7.79 -16.05
N LEU C 265 -2.42 8.03 -17.30
CA LEU C 265 -2.49 9.41 -17.77
C LEU C 265 -3.61 10.17 -17.09
N PHE C 266 -4.74 9.51 -16.79
CA PHE C 266 -5.84 10.23 -16.15
C PHE C 266 -5.51 10.58 -14.70
N ARG C 267 -4.79 9.71 -13.98
CA ARG C 267 -4.41 10.07 -12.63
C ARG C 267 -3.42 11.23 -12.66
N ALA C 268 -2.57 11.29 -13.69
CA ALA C 268 -1.69 12.44 -13.79
C ALA C 268 -2.47 13.72 -14.06
N ILE C 269 -3.55 13.63 -14.84
CA ILE C 269 -4.40 14.80 -15.04
C ILE C 269 -5.07 15.21 -13.73
N GLU C 270 -5.73 14.25 -13.05
CA GLU C 270 -6.41 14.55 -11.79
C GLU C 270 -5.47 15.17 -10.77
N GLU C 271 -4.24 14.64 -10.67
CA GLU C 271 -3.31 15.20 -9.70
C GLU C 271 -2.90 16.61 -10.10
N SER C 272 -2.62 16.84 -11.39
CA SER C 272 -2.19 18.18 -11.80
C SER C 272 -3.30 19.20 -11.56
N TYR C 273 -4.56 18.81 -11.75
CA TYR C 273 -5.66 19.73 -11.51
C TYR C 273 -5.79 20.10 -10.05
N TYR C 274 -5.66 19.13 -9.14
CA TYR C 274 -5.57 19.49 -7.74
C TYR C 274 -4.49 20.54 -7.52
N LYS C 275 -3.26 20.27 -8.00
CA LYS C 275 -2.16 21.19 -7.76
C LYS C 275 -2.36 22.54 -8.44
N LEU C 276 -3.14 22.56 -9.53
CA LEU C 276 -3.40 23.81 -10.26
C LEU C 276 -4.11 24.83 -9.39
N ASP C 277 -5.16 24.41 -8.68
CA ASP C 277 -5.78 25.22 -7.63
C ASP C 277 -6.19 26.64 -8.02
N LYS C 278 -7.32 26.78 -8.72
CA LYS C 278 -7.86 28.07 -9.15
C LYS C 278 -7.16 28.56 -10.41
N ARG C 279 -5.97 28.04 -10.70
CA ARG C 279 -5.25 28.42 -11.90
C ARG C 279 -5.81 27.68 -13.10
N ILE C 280 -5.93 28.39 -14.22
CA ILE C 280 -6.52 27.84 -15.43
C ILE C 280 -5.45 27.80 -16.52
N PRO C 281 -5.16 26.66 -17.10
CA PRO C 281 -4.16 26.60 -18.17
C PRO C 281 -4.78 26.81 -19.55
N LYS C 282 -4.03 27.47 -20.43
CA LYS C 282 -4.37 27.43 -21.85
C LYS C 282 -3.52 26.44 -22.63
N ALA C 283 -2.54 25.80 -21.99
CA ALA C 283 -1.60 24.97 -22.72
C ALA C 283 -1.41 23.65 -21.98
N ILE C 284 -1.28 22.57 -22.75
CA ILE C 284 -1.15 21.24 -22.20
C ILE C 284 -0.12 20.46 -23.02
N HIS C 285 0.63 19.61 -22.37
CA HIS C 285 1.60 18.79 -23.04
C HIS C 285 1.54 17.40 -22.42
N VAL C 286 1.66 16.39 -23.25
CA VAL C 286 1.78 15.02 -22.80
C VAL C 286 3.23 14.64 -22.98
N VAL C 287 3.80 13.96 -22.00
CA VAL C 287 5.23 13.67 -21.93
C VAL C 287 5.39 12.17 -21.73
N ALA C 288 6.15 11.54 -22.61
CA ALA C 288 6.34 10.10 -22.49
C ALA C 288 7.82 9.76 -22.46
N VAL C 289 8.17 8.84 -21.58
CA VAL C 289 9.52 8.30 -21.54
C VAL C 289 9.45 6.90 -22.15
N THR C 290 10.21 6.71 -23.24
CA THR C 290 10.21 5.49 -24.01
C THR C 290 11.08 4.45 -23.33
N GLU C 291 10.94 3.20 -23.77
CA GLU C 291 11.63 2.08 -23.12
C GLU C 291 13.15 2.29 -23.10
N ASP C 292 13.70 3.01 -24.09
CA ASP C 292 15.13 3.34 -24.14
C ASP C 292 15.45 4.66 -23.44
N LEU C 293 14.52 5.20 -22.65
CA LEU C 293 14.70 6.35 -21.77
C LEU C 293 14.86 7.66 -22.53
N ASP C 294 14.49 7.71 -23.81
CA ASP C 294 14.33 9.02 -24.42
C ASP C 294 13.04 9.68 -23.92
N ILE C 295 12.92 10.98 -24.19
CA ILE C 295 11.81 11.78 -23.71
C ILE C 295 11.14 12.40 -24.93
N VAL C 296 9.91 12.00 -25.20
CA VAL C 296 9.12 12.56 -26.29
C VAL C 296 7.89 13.25 -25.70
N SER C 297 7.38 14.23 -26.43
CA SER C 297 6.22 14.97 -25.95
C SER C 297 5.47 15.61 -27.12
N ARG C 298 4.14 15.78 -26.93
CA ARG C 298 3.28 16.53 -27.84
C ARG C 298 2.41 17.49 -27.07
N GLY C 299 2.32 18.73 -27.53
CA GLY C 299 1.49 19.68 -26.82
C GLY C 299 0.50 20.41 -27.71
N ARG C 300 -0.19 21.41 -27.14
CA ARG C 300 -1.15 22.25 -27.86
C ARG C 300 -1.56 23.42 -26.97
N THR C 301 -1.45 24.63 -27.49
CA THR C 301 -2.00 25.81 -26.85
C THR C 301 -3.43 26.03 -27.35
N PHE C 302 -4.22 26.71 -26.54
CA PHE C 302 -5.60 27.03 -26.84
C PHE C 302 -5.80 28.53 -26.66
N PRO C 303 -6.77 29.11 -27.36
CA PRO C 303 -7.08 30.54 -27.16
C PRO C 303 -7.85 30.82 -25.88
N HIS C 304 -8.33 29.78 -25.21
CA HIS C 304 -9.08 29.90 -23.96
C HIS C 304 -8.60 28.82 -23.00
N GLY C 305 -8.82 29.07 -21.70
CA GLY C 305 -8.59 28.08 -20.65
C GLY C 305 -9.08 26.67 -20.95
N ILE C 306 -8.46 25.68 -20.30
CA ILE C 306 -8.75 24.27 -20.54
C ILE C 306 -9.51 23.73 -19.33
N SER C 307 -10.74 23.28 -19.56
CA SER C 307 -11.49 22.60 -18.52
C SER C 307 -10.89 21.21 -18.29
N LYS C 308 -11.22 20.64 -17.13
CA LYS C 308 -10.71 19.30 -16.86
C LYS C 308 -11.18 18.31 -17.92
N GLU C 309 -12.44 18.43 -18.35
CA GLU C 309 -12.99 17.49 -19.34
C GLU C 309 -12.27 17.64 -20.67
N THR C 310 -11.96 18.88 -21.09
CA THR C 310 -11.13 19.08 -22.26
C THR C 310 -9.77 18.42 -22.08
N ALA C 311 -9.06 18.82 -21.02
CA ALA C 311 -7.76 18.22 -20.70
C ALA C 311 -7.80 16.71 -20.87
N TYR C 312 -8.86 16.10 -20.36
CA TYR C 312 -9.04 14.66 -20.49
C TYR C 312 -9.01 14.24 -21.95
N SER C 313 -9.77 14.93 -22.81
CA SER C 313 -9.84 14.46 -24.21
C SER C 313 -8.60 14.88 -24.99
N GLU C 314 -8.21 16.15 -24.87
CA GLU C 314 -7.00 16.63 -25.55
C GLU C 314 -5.80 15.72 -25.31
N SER C 315 -5.63 15.23 -24.08
CA SER C 315 -4.43 14.45 -23.81
C SER C 315 -4.46 13.11 -24.54
N VAL C 316 -5.65 12.51 -24.68
CA VAL C 316 -5.73 11.24 -25.40
C VAL C 316 -5.40 11.46 -26.87
N LYS C 317 -5.77 12.63 -27.42
CA LYS C 317 -5.33 12.94 -28.77
C LYS C 317 -3.82 13.07 -28.82
N LEU C 318 -3.25 13.97 -28.00
CA LEU C 318 -1.80 14.13 -27.96
C LEU C 318 -1.08 12.79 -27.74
N LEU C 319 -1.63 11.94 -26.86
CA LEU C 319 -0.98 10.65 -26.60
C LEU C 319 -1.02 9.74 -27.82
N GLN C 320 -2.09 9.80 -28.61
CA GLN C 320 -2.12 9.03 -29.84
C GLN C 320 -1.14 9.61 -30.86
N LYS C 321 -1.14 10.94 -31.02
CA LYS C 321 -0.14 11.59 -31.85
C LYS C 321 1.29 11.16 -31.50
N ILE C 322 1.54 10.62 -30.31
CA ILE C 322 2.86 10.10 -29.94
C ILE C 322 3.02 8.65 -30.40
N LEU C 323 2.01 7.80 -30.09
CA LEU C 323 2.09 6.41 -30.50
C LEU C 323 2.07 6.28 -32.01
N GLU C 324 1.42 7.21 -32.71
CA GLU C 324 1.51 7.31 -34.15
C GLU C 324 2.96 7.54 -34.53
N GLU C 325 3.43 8.75 -34.29
CA GLU C 325 4.70 9.22 -34.82
C GLU C 325 5.92 8.53 -34.22
N ASP C 326 5.76 7.63 -33.25
CA ASP C 326 6.92 6.97 -32.64
C ASP C 326 6.66 5.47 -32.50
N GLU C 327 7.77 4.72 -32.54
CA GLU C 327 7.80 3.28 -32.69
C GLU C 327 7.91 2.52 -31.37
N ARG C 328 8.61 3.10 -30.39
CA ARG C 328 9.00 2.39 -29.18
C ARG C 328 7.84 2.32 -28.18
N LYS C 329 7.94 1.34 -27.28
CA LYS C 329 6.99 1.28 -26.16
C LYS C 329 7.26 2.42 -25.17
N ILE C 330 6.27 2.67 -24.32
CA ILE C 330 6.34 3.75 -23.34
C ILE C 330 6.56 3.16 -21.94
N ARG C 331 7.36 3.89 -21.15
CA ARG C 331 7.77 3.54 -19.79
C ARG C 331 7.16 4.45 -18.73
N ARG C 332 7.09 5.75 -18.99
CA ARG C 332 6.50 6.71 -18.07
C ARG C 332 5.66 7.68 -18.87
N ILE C 333 4.50 8.04 -18.31
CA ILE C 333 3.57 8.95 -18.97
C ILE C 333 3.20 10.06 -17.99
N GLY C 334 3.04 11.28 -18.53
CA GLY C 334 2.70 12.42 -17.70
C GLY C 334 2.11 13.54 -18.55
N VAL C 335 1.60 14.56 -17.83
CA VAL C 335 0.96 15.71 -18.43
C VAL C 335 1.46 16.97 -17.72
N ARG C 336 1.57 18.07 -18.48
CA ARG C 336 2.04 19.34 -17.95
C ARG C 336 1.18 20.47 -18.48
N PHE C 337 0.80 21.39 -17.60
CA PHE C 337 -0.07 22.53 -17.93
C PHE C 337 0.68 23.84 -17.77
N SER C 338 0.43 24.78 -18.68
CA SER C 338 1.18 26.04 -18.72
C SER C 338 0.26 27.13 -19.25
N LYS C 339 0.80 28.35 -19.36
CA LYS C 339 0.07 29.51 -19.89
C LYS C 339 -1.23 29.73 -19.12
N PHE C 340 -1.05 30.12 -17.87
CA PHE C 340 -2.15 30.33 -16.97
C PHE C 340 -2.80 31.68 -17.25
N ILE C 341 -4.02 31.84 -16.74
CA ILE C 341 -4.75 33.10 -16.85
C ILE C 341 -4.61 33.91 -15.56
P A38 E 6 -10.84 -7.23 9.28
O1P A38 E 6 -11.50 -6.41 10.35
O2P A38 E 6 -9.91 -6.60 8.31
O5' A38 E 6 -11.93 -8.19 8.56
C5' A38 E 6 -11.54 -9.14 7.56
C4' A38 E 6 -12.38 -10.40 7.67
O4' A38 E 6 -12.27 -10.88 8.99
C3' A38 E 6 -13.86 -10.06 7.65
O3' A38 E 6 -14.33 -10.05 6.32
C2' A38 E 6 -14.47 -11.21 8.42
C1' A38 E 6 -13.23 -11.90 8.95
N9 A38 E 6 -13.43 -12.44 10.31
C8 A38 E 6 -13.71 -11.77 11.42
N7 A38 E 6 -13.83 -12.63 12.45
C5 A38 E 6 -13.61 -13.87 11.95
C6 A38 E 6 -13.61 -15.09 12.52
N6 A38 E 6 -13.86 -15.17 13.83
N1 A38 E 6 -13.39 -16.20 11.79
C2 A38 E 6 -13.14 -16.08 10.43
N3 A38 E 6 -13.12 -14.81 9.86
C4 A38 E 6 -13.37 -13.74 10.63
O A38 E 6 -13.83 -10.55 11.48
N MET F 1 -27.43 -43.49 4.28
CA MET F 1 -26.75 -42.90 3.14
C MET F 1 -25.32 -43.40 2.99
N ILE F 2 -24.63 -42.82 2.01
CA ILE F 2 -23.17 -42.84 1.93
C ILE F 2 -22.71 -41.43 1.61
N VAL F 3 -22.21 -40.72 2.64
CA VAL F 3 -21.78 -39.33 2.53
C VAL F 3 -20.26 -39.26 2.41
N LEU F 4 -19.79 -38.46 1.46
CA LEU F 4 -18.34 -38.30 1.26
C LEU F 4 -17.98 -36.84 1.45
N PHE F 5 -17.04 -36.58 2.35
CA PHE F 5 -16.67 -35.24 2.78
C PHE F 5 -15.23 -34.93 2.38
N VAL F 6 -15.03 -33.81 1.67
CA VAL F 6 -13.71 -33.35 1.27
C VAL F 6 -13.45 -32.01 1.93
N ASP F 7 -12.30 -31.88 2.60
CA ASP F 7 -11.81 -30.61 3.13
C ASP F 7 -10.35 -30.41 2.72
N PHE F 8 -10.06 -29.28 2.07
CA PHE F 8 -8.70 -29.06 1.57
C PHE F 8 -7.72 -28.87 2.73
N ASP F 9 -6.46 -29.23 2.50
CA ASP F 9 -5.49 -29.14 3.60
C ASP F 9 -4.83 -27.77 3.61
N TYR F 10 -4.67 -27.22 4.82
CA TYR F 10 -4.09 -25.90 5.07
C TYR F 10 -4.24 -24.97 3.84
N PHE F 11 -5.50 -24.74 3.45
CA PHE F 11 -5.83 -24.42 2.07
C PHE F 11 -5.18 -23.12 1.58
N TYR F 12 -5.36 -21.98 2.28
CA TYR F 12 -4.80 -20.72 1.75
C TYR F 12 -3.28 -20.79 1.67
N ALA F 13 -2.65 -21.32 2.72
CA ALA F 13 -1.19 -21.49 2.73
C ALA F 13 -0.73 -22.39 1.60
N GLN F 14 -1.40 -23.54 1.43
CA GLN F 14 -0.99 -24.47 0.39
C GLN F 14 -1.12 -23.83 -1.00
N VAL F 15 -2.10 -22.94 -1.20
CA VAL F 15 -2.25 -22.31 -2.51
C VAL F 15 -1.05 -21.41 -2.80
N GLU F 16 -0.58 -20.69 -1.79
CA GLU F 16 0.66 -19.92 -1.95
C GLU F 16 1.85 -20.83 -2.26
N GLU F 17 1.97 -21.97 -1.58
CA GLU F 17 3.00 -22.93 -1.95
C GLU F 17 2.86 -23.38 -3.41
N VAL F 18 1.65 -23.63 -3.87
CA VAL F 18 1.49 -23.99 -5.28
C VAL F 18 1.94 -22.83 -6.16
N LEU F 19 1.47 -21.62 -5.84
CA LEU F 19 1.81 -20.46 -6.65
C LEU F 19 3.27 -20.07 -6.51
N ASN F 20 3.96 -20.50 -5.46
CA ASN F 20 5.39 -20.20 -5.28
C ASN F 20 6.09 -21.39 -4.62
N PRO F 21 6.48 -22.38 -5.42
CA PRO F 21 6.99 -23.65 -4.86
C PRO F 21 8.15 -23.51 -3.89
N SER F 22 8.97 -22.46 -4.01
CA SER F 22 10.10 -22.31 -3.09
C SER F 22 9.68 -22.19 -1.62
N LEU F 23 8.39 -22.08 -1.29
CA LEU F 23 7.99 -22.12 0.12
C LEU F 23 7.89 -23.52 0.69
N LYS F 24 7.82 -24.56 -0.16
CA LYS F 24 7.65 -25.93 0.31
C LYS F 24 8.82 -26.35 1.20
N GLY F 25 8.58 -26.41 2.50
CA GLY F 25 9.65 -26.78 3.41
C GLY F 25 9.86 -25.78 4.53
N LYS F 26 9.49 -24.53 4.30
CA LYS F 26 9.52 -23.49 5.33
C LYS F 26 8.15 -23.35 5.97
N PRO F 27 8.07 -22.84 7.18
CA PRO F 27 6.75 -22.54 7.76
C PRO F 27 6.15 -21.31 7.08
N VAL F 28 4.85 -21.40 6.76
CA VAL F 28 4.15 -20.36 6.02
C VAL F 28 2.89 -19.93 6.78
N VAL F 29 2.75 -18.62 6.96
CA VAL F 29 1.63 -18.01 7.68
C VAL F 29 0.89 -17.09 6.72
N VAL F 30 -0.44 -17.23 6.66
CA VAL F 30 -1.28 -16.37 5.84
C VAL F 30 -2.04 -15.44 6.77
N CYS F 31 -1.89 -14.13 6.55
CA CYS F 31 -2.30 -13.17 7.56
C CYS F 31 -3.42 -12.25 7.07
N VAL F 32 -4.31 -11.92 8.00
CA VAL F 32 -5.28 -10.86 7.78
C VAL F 32 -4.80 -9.64 8.56
N PHE F 33 -4.04 -8.76 7.88
CA PHE F 33 -3.57 -7.51 8.48
C PHE F 33 -4.71 -6.55 8.71
N SER F 34 -4.80 -5.99 9.92
CA SER F 34 -5.93 -5.14 10.29
C SER F 34 -5.69 -3.68 9.89
N GLY F 35 -4.43 -3.24 9.89
CA GLY F 35 -4.08 -1.93 9.42
C GLY F 35 -3.77 -0.91 10.52
N ARG F 36 -4.09 -1.21 11.77
CA ARG F 36 -3.79 -0.34 12.90
C ARG F 36 -2.31 -0.04 12.97
N PHE F 37 -1.55 -0.96 13.53
CA PHE F 37 -0.09 -0.83 13.60
C PHE F 37 0.57 -1.86 12.69
N GLU F 38 1.90 -1.87 12.73
CA GLU F 38 2.66 -2.85 11.97
C GLU F 38 2.38 -4.25 12.49
N ASP F 39 2.02 -5.16 11.58
CA ASP F 39 1.77 -6.56 11.92
C ASP F 39 0.63 -6.72 12.94
N SER F 40 -0.33 -5.80 12.96
CA SER F 40 -1.59 -6.05 13.65
C SER F 40 -2.54 -6.87 12.76
N GLY F 41 -3.39 -7.67 13.40
CA GLY F 41 -4.30 -8.57 12.72
C GLY F 41 -4.21 -10.00 13.25
N ALA F 42 -4.72 -10.94 12.46
CA ALA F 42 -4.82 -12.33 12.88
C ALA F 42 -4.40 -13.24 11.74
N VAL F 43 -4.01 -14.46 12.12
CA VAL F 43 -3.58 -15.51 11.19
C VAL F 43 -4.79 -16.19 10.58
N ALA F 44 -4.87 -16.21 9.25
CA ALA F 44 -5.98 -16.93 8.61
C ALA F 44 -5.74 -18.44 8.64
N THR F 45 -4.57 -18.88 8.18
CA THR F 45 -4.10 -20.24 8.43
C THR F 45 -2.58 -20.27 8.37
N ALA F 46 -2.01 -21.36 8.87
CA ALA F 46 -0.60 -21.67 8.65
C ALA F 46 -0.50 -23.10 8.13
N ASN F 47 0.53 -23.35 7.33
CA ASN F 47 0.85 -24.72 6.93
C ASN F 47 1.27 -25.55 8.15
N TYR F 48 1.42 -26.85 7.91
CA TYR F 48 1.55 -27.78 9.03
C TYR F 48 2.92 -27.66 9.69
N GLU F 49 3.92 -27.14 8.99
CA GLU F 49 5.19 -26.82 9.64
C GLU F 49 5.00 -25.77 10.73
N ALA F 50 4.33 -24.65 10.40
CA ALA F 50 4.11 -23.61 11.39
C ALA F 50 3.17 -24.07 12.50
N ARG F 51 2.23 -24.98 12.18
CA ARG F 51 1.39 -25.52 13.24
C ARG F 51 2.23 -26.24 14.29
N LYS F 52 3.41 -26.77 13.92
CA LYS F 52 4.27 -27.41 14.91
C LYS F 52 4.93 -26.44 15.89
N PHE F 53 4.63 -25.16 15.84
CA PHE F 53 5.15 -24.25 16.85
C PHE F 53 4.03 -23.40 17.45
N GLY F 54 2.80 -23.75 17.19
CA GLY F 54 1.69 -23.11 17.82
C GLY F 54 1.02 -22.08 16.95
N VAL F 55 1.51 -21.84 15.73
CA VAL F 55 0.96 -20.83 14.85
C VAL F 55 -0.20 -21.48 14.09
N LYS F 56 -1.42 -21.10 14.47
CA LYS F 56 -2.63 -21.63 13.86
C LYS F 56 -3.63 -20.51 13.62
N ALA F 57 -4.68 -20.83 12.85
CA ALA F 57 -5.75 -19.88 12.57
C ALA F 57 -6.36 -19.30 13.84
N GLY F 58 -6.59 -17.99 13.84
CA GLY F 58 -7.19 -17.28 14.95
C GLY F 58 -6.22 -16.39 15.71
N ILE F 59 -4.97 -16.82 15.87
CA ILE F 59 -4.09 -16.16 16.85
C ILE F 59 -3.50 -14.89 16.26
N PRO F 60 -3.10 -13.92 17.10
CA PRO F 60 -2.56 -12.66 16.57
C PRO F 60 -1.24 -12.86 15.83
N ILE F 61 -1.04 -11.99 14.84
CA ILE F 61 0.20 -12.00 14.07
C ILE F 61 1.40 -11.69 14.96
N VAL F 62 1.24 -10.75 15.92
CA VAL F 62 2.35 -10.42 16.80
C VAL F 62 2.76 -11.62 17.63
N GLU F 63 1.78 -12.39 18.11
CA GLU F 63 2.07 -13.63 18.80
C GLU F 63 2.66 -14.67 17.87
N ALA F 64 2.23 -14.69 16.61
CA ALA F 64 2.87 -15.58 15.64
C ALA F 64 4.31 -15.19 15.40
N LYS F 65 4.65 -13.91 15.52
CA LYS F 65 6.01 -13.51 15.17
C LYS F 65 6.99 -13.80 16.31
N LYS F 66 6.55 -13.69 17.57
CA LYS F 66 7.41 -14.09 18.69
C LYS F 66 7.82 -15.54 18.59
N ILE F 67 6.96 -16.40 18.04
CA ILE F 67 7.30 -17.81 17.96
C ILE F 67 8.15 -18.09 16.73
N LEU F 68 7.73 -17.64 15.55
CA LEU F 68 8.50 -17.88 14.33
C LEU F 68 8.80 -16.57 13.63
N PRO F 69 9.72 -15.77 14.18
CA PRO F 69 10.06 -14.49 13.52
C PRO F 69 10.52 -14.67 12.09
N ASN F 70 11.15 -15.78 11.76
CA ASN F 70 11.70 -15.91 10.42
C ASN F 70 10.92 -16.91 9.57
N ALA F 71 9.63 -17.09 9.89
CA ALA F 71 8.71 -17.71 8.96
C ALA F 71 8.29 -16.71 7.87
N VAL F 72 7.78 -17.23 6.76
CA VAL F 72 7.24 -16.40 5.69
C VAL F 72 5.83 -15.95 6.06
N TYR F 73 5.57 -14.64 6.01
CA TYR F 73 4.29 -14.04 6.38
C TYR F 73 3.68 -13.32 5.19
N LEU F 74 2.71 -14.00 4.44
CA LEU F 74 2.01 -13.47 3.27
C LEU F 74 0.66 -12.89 3.62
N PRO F 75 0.22 -11.84 2.92
CA PRO F 75 -1.14 -11.34 3.12
C PRO F 75 -2.17 -12.20 2.42
N MET F 76 -3.31 -12.36 3.08
CA MET F 76 -4.41 -13.15 2.54
C MET F 76 -4.93 -12.54 1.25
N ARG F 77 -4.89 -13.32 0.17
CA ARG F 77 -5.49 -12.97 -1.12
C ARG F 77 -6.69 -13.87 -1.38
N LYS F 78 -7.82 -13.57 -0.70
CA LYS F 78 -8.96 -14.48 -0.73
C LYS F 78 -9.53 -14.67 -2.14
N GLU F 79 -9.47 -13.63 -2.97
CA GLU F 79 -9.98 -13.75 -4.33
C GLU F 79 -9.24 -14.83 -5.11
N VAL F 80 -7.94 -14.98 -4.86
CA VAL F 80 -7.18 -16.05 -5.49
C VAL F 80 -7.61 -17.41 -4.95
N TYR F 81 -7.83 -17.48 -3.63
CA TYR F 81 -8.24 -18.75 -3.05
C TYR F 81 -9.65 -19.11 -3.48
N GLN F 82 -10.52 -18.11 -3.62
CA GLN F 82 -11.89 -18.38 -4.03
C GLN F 82 -11.95 -18.93 -5.45
N GLN F 83 -11.04 -18.49 -6.32
CA GLN F 83 -11.00 -19.02 -7.68
C GLN F 83 -10.55 -20.48 -7.70
N VAL F 84 -9.48 -20.79 -6.98
CA VAL F 84 -8.97 -22.17 -6.96
C VAL F 84 -9.98 -23.11 -6.32
N SER F 85 -10.74 -22.62 -5.33
CA SER F 85 -11.76 -23.46 -4.69
C SER F 85 -12.93 -23.66 -5.65
N SER F 86 -13.41 -22.59 -6.30
CA SER F 86 -14.46 -22.71 -7.30
C SER F 86 -14.10 -23.73 -8.35
N ARG F 87 -12.82 -23.84 -8.70
CA ARG F 87 -12.41 -24.80 -9.70
C ARG F 87 -12.40 -26.21 -9.16
N ILE F 88 -12.10 -26.37 -7.87
CA ILE F 88 -12.21 -27.69 -7.25
C ILE F 88 -13.67 -28.00 -6.93
N MET F 89 -14.52 -26.98 -6.75
CA MET F 89 -15.95 -27.21 -6.57
C MET F 89 -16.69 -27.41 -7.90
N ASN F 90 -15.99 -27.40 -9.03
CA ASN F 90 -16.61 -27.87 -10.26
C ASN F 90 -16.18 -29.29 -10.60
N LEU F 91 -15.06 -29.74 -10.05
CA LEU F 91 -14.63 -31.11 -10.25
C LEU F 91 -15.37 -32.12 -9.37
N LEU F 92 -15.81 -31.72 -8.17
CA LEU F 92 -16.62 -32.56 -7.31
C LEU F 92 -18.08 -32.60 -7.76
N ARG F 93 -18.61 -31.49 -8.32
CA ARG F 93 -19.96 -31.50 -8.88
C ARG F 93 -20.15 -32.57 -9.95
N GLU F 94 -19.07 -33.14 -10.48
CA GLU F 94 -19.19 -34.22 -11.44
C GLU F 94 -19.54 -35.53 -10.75
N TYR F 95 -18.89 -35.84 -9.62
CA TYR F 95 -19.12 -37.09 -8.92
C TYR F 95 -20.47 -37.17 -8.21
N SER F 96 -21.28 -36.10 -8.26
CA SER F 96 -22.66 -36.13 -7.80
C SER F 96 -23.26 -34.75 -8.05
N GLU F 97 -24.53 -34.68 -8.43
CA GLU F 97 -25.17 -33.37 -8.40
C GLU F 97 -25.64 -33.04 -6.99
N LYS F 98 -25.89 -34.06 -6.18
CA LYS F 98 -26.08 -33.88 -4.74
C LYS F 98 -24.78 -33.35 -4.13
N ILE F 99 -24.75 -32.05 -3.82
CA ILE F 99 -23.51 -31.41 -3.38
C ILE F 99 -23.86 -30.36 -2.34
N GLU F 100 -23.21 -30.44 -1.17
CA GLU F 100 -23.34 -29.42 -0.14
C GLU F 100 -21.97 -28.77 0.06
N ILE F 101 -21.85 -27.52 -0.35
CA ILE F 101 -20.62 -26.76 -0.22
C ILE F 101 -20.72 -25.94 1.06
N ALA F 102 -19.92 -26.32 2.06
CA ALA F 102 -20.13 -25.86 3.44
C ALA F 102 -19.20 -24.75 3.87
N SER F 103 -18.07 -24.58 3.18
CA SER F 103 -17.12 -23.50 3.44
C SER F 103 -16.38 -23.18 2.14
N ILE F 104 -15.35 -22.32 2.23
CA ILE F 104 -14.51 -22.12 1.07
C ILE F 104 -13.69 -23.38 0.72
N ASP F 105 -13.66 -24.41 1.57
CA ASP F 105 -12.76 -25.52 1.27
C ASP F 105 -13.36 -26.89 1.62
N GLU F 106 -14.66 -26.96 1.91
CA GLU F 106 -15.32 -28.19 2.32
C GLU F 106 -16.47 -28.46 1.37
N ALA F 107 -16.80 -29.74 1.22
CA ALA F 107 -17.97 -30.13 0.44
C ALA F 107 -18.41 -31.51 0.89
N TYR F 108 -19.71 -31.65 1.13
CA TYR F 108 -20.33 -32.93 1.36
C TYR F 108 -20.95 -33.45 0.06
N LEU F 109 -20.67 -34.72 -0.24
CA LEU F 109 -21.19 -35.38 -1.44
C LEU F 109 -22.06 -36.56 -1.02
N ASP F 110 -23.32 -36.55 -1.48
CA ASP F 110 -24.24 -37.69 -1.34
C ASP F 110 -24.00 -38.61 -2.54
N ILE F 111 -23.25 -39.69 -2.33
CA ILE F 111 -22.85 -40.58 -3.43
C ILE F 111 -23.55 -41.93 -3.28
N SER F 112 -24.79 -41.90 -2.78
CA SER F 112 -25.52 -43.15 -2.56
C SER F 112 -26.04 -43.77 -3.86
N ASP F 113 -26.62 -42.92 -4.75
CA ASP F 113 -26.92 -43.30 -6.13
C ASP F 113 -25.67 -43.46 -6.99
N LYS F 114 -24.50 -43.63 -6.37
CA LYS F 114 -23.24 -43.61 -7.13
C LYS F 114 -22.34 -44.81 -6.84
N VAL F 115 -22.43 -45.42 -5.66
CA VAL F 115 -21.65 -46.61 -5.34
C VAL F 115 -22.44 -47.48 -4.38
N ARG F 116 -21.94 -48.69 -4.14
CA ARG F 116 -22.67 -49.73 -3.44
C ARG F 116 -22.40 -49.73 -1.93
N ASP F 117 -21.13 -49.82 -1.54
CA ASP F 117 -20.75 -49.98 -0.14
C ASP F 117 -19.58 -49.03 0.14
N TYR F 118 -18.81 -49.34 1.19
CA TYR F 118 -17.74 -48.44 1.63
C TYR F 118 -16.43 -48.70 0.91
N ARG F 119 -16.17 -49.94 0.49
CA ARG F 119 -15.03 -50.19 -0.39
C ARG F 119 -15.18 -49.39 -1.69
N GLU F 120 -16.40 -49.35 -2.24
CA GLU F 120 -16.64 -48.62 -3.48
C GLU F 120 -16.46 -47.11 -3.31
N ALA F 121 -16.81 -46.58 -2.13
CA ALA F 121 -16.67 -45.15 -1.87
C ALA F 121 -15.24 -44.78 -1.48
N TYR F 122 -14.56 -45.64 -0.70
CA TYR F 122 -13.14 -45.43 -0.43
C TYR F 122 -12.34 -45.31 -1.72
N ASN F 123 -12.72 -46.05 -2.75
CA ASN F 123 -11.97 -45.97 -4.00
C ASN F 123 -12.39 -44.76 -4.82
N LEU F 124 -13.68 -44.43 -4.84
CA LEU F 124 -14.08 -43.14 -5.40
C LEU F 124 -13.34 -41.98 -4.71
N GLY F 125 -13.08 -42.12 -3.41
CA GLY F 125 -12.33 -41.10 -2.70
C GLY F 125 -10.94 -40.91 -3.27
N LEU F 126 -10.22 -42.01 -3.48
CA LEU F 126 -8.90 -41.92 -4.07
C LEU F 126 -8.96 -41.41 -5.50
N GLU F 127 -10.02 -41.78 -6.24
CA GLU F 127 -10.24 -41.16 -7.54
C GLU F 127 -10.31 -39.65 -7.40
N ILE F 128 -10.99 -39.17 -6.36
CA ILE F 128 -11.18 -37.72 -6.22
C ILE F 128 -9.91 -37.05 -5.73
N LYS F 129 -9.18 -37.66 -4.80
CA LYS F 129 -7.92 -37.07 -4.39
C LYS F 129 -6.96 -36.94 -5.57
N ASN F 130 -6.89 -37.98 -6.41
CA ASN F 130 -5.93 -37.99 -7.51
C ASN F 130 -6.24 -36.89 -8.52
N LYS F 131 -7.49 -36.78 -8.95
CA LYS F 131 -7.82 -35.79 -9.97
C LYS F 131 -7.66 -34.37 -9.43
N ILE F 132 -7.83 -34.18 -8.12
CA ILE F 132 -7.53 -32.91 -7.49
C ILE F 132 -6.03 -32.68 -7.45
N LEU F 133 -5.27 -33.70 -7.06
CA LEU F 133 -3.81 -33.59 -7.03
C LEU F 133 -3.21 -33.22 -8.38
N GLU F 134 -3.86 -33.57 -9.49
CA GLU F 134 -3.30 -33.20 -10.80
C GLU F 134 -3.88 -31.92 -11.36
N LYS F 135 -5.22 -31.76 -11.37
CA LYS F 135 -5.78 -30.57 -12.05
C LYS F 135 -5.40 -29.27 -11.35
N GLU F 136 -5.10 -29.32 -10.04
CA GLU F 136 -4.78 -28.10 -9.29
C GLU F 136 -3.69 -28.32 -8.25
N LYS F 137 -3.08 -29.50 -8.20
CA LYS F 137 -1.90 -29.74 -7.36
C LYS F 137 -2.15 -29.44 -5.87
N ILE F 138 -3.37 -29.68 -5.39
CA ILE F 138 -3.72 -29.48 -3.98
C ILE F 138 -4.03 -30.82 -3.34
N THR F 139 -3.36 -31.11 -2.23
CA THR F 139 -3.78 -32.25 -1.41
C THR F 139 -5.05 -31.91 -0.61
N VAL F 140 -5.87 -32.95 -0.39
CA VAL F 140 -7.12 -32.86 0.34
C VAL F 140 -7.21 -34.03 1.31
N THR F 141 -8.22 -33.99 2.18
CA THR F 141 -8.52 -35.12 3.06
C THR F 141 -9.99 -35.50 2.90
N VAL F 142 -10.27 -36.81 2.98
CA VAL F 142 -11.59 -37.37 2.66
C VAL F 142 -12.11 -38.13 3.87
N GLY F 143 -13.38 -37.92 4.18
CA GLY F 143 -14.07 -38.69 5.19
C GLY F 143 -15.32 -39.29 4.56
N ILE F 144 -15.56 -40.57 4.86
CA ILE F 144 -16.72 -41.28 4.35
C ILE F 144 -17.37 -41.97 5.53
N SER F 145 -18.68 -41.83 5.64
CA SER F 145 -19.46 -42.46 6.71
C SER F 145 -20.93 -42.38 6.32
N LYS F 146 -21.80 -42.75 7.27
CA LYS F 146 -23.22 -42.89 7.00
C LYS F 146 -23.96 -41.57 7.00
N ASN F 147 -23.41 -40.53 7.61
CA ASN F 147 -24.01 -39.20 7.61
C ASN F 147 -22.90 -38.16 7.54
N LYS F 148 -23.33 -36.89 7.39
CA LYS F 148 -22.40 -35.78 7.25
C LYS F 148 -21.53 -35.58 8.48
N VAL F 149 -22.07 -35.80 9.67
CA VAL F 149 -21.33 -35.51 10.90
C VAL F 149 -20.13 -36.44 11.04
N PHE F 150 -20.36 -37.75 10.97
CA PHE F 150 -19.25 -38.69 11.09
C PHE F 150 -18.38 -38.69 9.84
N ALA F 151 -18.91 -38.16 8.72
CA ALA F 151 -18.07 -37.89 7.56
C ALA F 151 -17.00 -36.86 7.89
N LYS F 152 -17.41 -35.74 8.50
CA LYS F 152 -16.43 -34.73 8.84
C LYS F 152 -15.47 -35.25 9.89
N ILE F 153 -15.99 -35.93 10.91
CA ILE F 153 -15.15 -36.51 11.96
C ILE F 153 -14.09 -37.42 11.36
N ALA F 154 -14.48 -38.18 10.33
CA ALA F 154 -13.54 -39.07 9.67
C ALA F 154 -12.36 -38.29 9.10
N ALA F 155 -12.67 -37.25 8.30
CA ALA F 155 -11.63 -36.41 7.72
C ALA F 155 -10.81 -35.72 8.80
N ASP F 156 -11.46 -35.30 9.88
CA ASP F 156 -10.71 -34.65 10.95
C ASP F 156 -9.64 -35.60 11.50
N MET F 157 -9.96 -36.90 11.65
CA MET F 157 -8.94 -37.86 12.09
C MET F 157 -7.90 -38.13 11.02
N ALA F 158 -8.31 -38.30 9.78
CA ALA F 158 -7.39 -38.60 8.68
C ALA F 158 -6.49 -37.43 8.27
N LYS F 159 -6.37 -36.40 9.11
CA LYS F 159 -5.66 -35.27 8.51
C LYS F 159 -4.20 -35.23 8.96
N PRO F 160 -3.28 -34.81 8.08
CA PRO F 160 -3.47 -34.31 6.72
C PRO F 160 -3.18 -35.34 5.61
N ASN F 161 -3.60 -35.02 4.39
CA ASN F 161 -3.46 -35.89 3.21
C ASN F 161 -3.96 -37.32 3.49
N GLY F 162 -5.19 -37.40 4.02
CA GLY F 162 -5.74 -38.67 4.45
C GLY F 162 -6.98 -39.06 3.67
N ILE F 163 -7.40 -40.31 3.87
CA ILE F 163 -8.71 -40.79 3.49
C ILE F 163 -9.15 -41.83 4.52
N LYS F 164 -10.37 -41.70 5.02
CA LYS F 164 -10.81 -42.56 6.12
C LYS F 164 -12.32 -42.77 6.07
N VAL F 165 -12.72 -44.02 6.32
CA VAL F 165 -14.12 -44.43 6.38
C VAL F 165 -14.44 -44.72 7.83
N ILE F 166 -15.59 -44.27 8.28
CA ILE F 166 -16.17 -44.72 9.53
C ILE F 166 -17.38 -45.58 9.17
N ASP F 167 -17.21 -46.90 9.27
CA ASP F 167 -18.29 -47.84 8.97
C ASP F 167 -19.27 -47.90 10.13
N ASP F 168 -20.38 -48.61 9.90
CA ASP F 168 -21.48 -48.64 10.85
C ASP F 168 -21.08 -49.20 12.21
N GLU F 169 -20.02 -50.00 12.27
CA GLU F 169 -19.60 -50.44 13.58
C GLU F 169 -18.81 -49.38 14.33
N GLU F 170 -17.86 -48.71 13.68
CA GLU F 170 -17.11 -47.71 14.44
C GLU F 170 -17.99 -46.52 14.81
N VAL F 171 -19.03 -46.23 14.02
CA VAL F 171 -20.02 -45.23 14.45
C VAL F 171 -20.56 -45.60 15.82
N LYS F 172 -20.95 -46.87 16.00
CA LYS F 172 -21.44 -47.32 17.30
C LYS F 172 -20.35 -47.22 18.36
N ARG F 173 -19.12 -47.58 18.02
CA ARG F 173 -18.07 -47.51 19.02
C ARG F 173 -17.78 -46.06 19.38
N LEU F 174 -17.72 -45.16 18.37
CA LEU F 174 -17.43 -43.76 18.63
C LEU F 174 -18.53 -43.09 19.42
N ILE F 175 -19.77 -43.58 19.32
CA ILE F 175 -20.85 -43.03 20.13
C ILE F 175 -20.60 -43.28 21.60
N ARG F 176 -19.87 -44.35 21.92
CA ARG F 176 -19.48 -44.63 23.29
C ARG F 176 -18.13 -44.03 23.64
N GLU F 177 -17.22 -43.93 22.68
CA GLU F 177 -15.82 -43.72 23.00
C GLU F 177 -15.29 -42.33 22.68
N LEU F 178 -15.84 -41.61 21.70
CA LEU F 178 -15.28 -40.33 21.29
C LEU F 178 -15.72 -39.21 22.24
N ASP F 179 -14.78 -38.32 22.57
CA ASP F 179 -15.09 -37.20 23.45
C ASP F 179 -16.07 -36.26 22.75
N ILE F 180 -17.13 -35.89 23.48
CA ILE F 180 -18.21 -35.12 22.88
C ILE F 180 -17.73 -33.75 22.39
N ALA F 181 -16.65 -33.23 22.96
CA ALA F 181 -16.07 -31.97 22.51
C ALA F 181 -15.56 -32.04 21.08
N ASP F 182 -15.39 -33.25 20.54
CA ASP F 182 -14.92 -33.44 19.17
C ASP F 182 -16.07 -33.66 18.18
N VAL F 183 -17.31 -33.49 18.62
CA VAL F 183 -18.45 -33.50 17.70
C VAL F 183 -18.57 -32.13 17.05
N PRO F 184 -18.78 -32.05 15.74
CA PRO F 184 -19.05 -30.75 15.10
C PRO F 184 -20.18 -29.97 15.77
N GLY F 185 -19.99 -28.66 15.88
CA GLY F 185 -20.95 -27.81 16.55
C GLY F 185 -20.77 -27.71 18.05
N ILE F 186 -19.86 -28.48 18.62
CA ILE F 186 -19.61 -28.42 20.05
C ILE F 186 -18.33 -27.64 20.26
N GLY F 187 -18.49 -26.41 20.75
CA GLY F 187 -17.35 -25.56 21.05
C GLY F 187 -17.02 -25.58 22.53
N ASN F 188 -16.11 -24.70 22.92
CA ASN F 188 -15.64 -24.70 24.29
C ASN F 188 -16.75 -24.36 25.28
N ILE F 189 -17.63 -23.43 24.91
CA ILE F 189 -18.73 -23.06 25.80
C ILE F 189 -19.69 -24.24 26.00
N THR F 190 -20.06 -24.92 24.92
CA THR F 190 -20.95 -26.06 25.09
C THR F 190 -20.26 -27.20 25.82
N ALA F 191 -18.99 -27.48 25.49
CA ALA F 191 -18.28 -28.61 26.09
C ALA F 191 -18.24 -28.51 27.62
N GLU F 192 -17.94 -27.32 28.14
CA GLU F 192 -17.86 -27.18 29.58
C GLU F 192 -19.22 -26.98 30.24
N LYS F 193 -20.31 -26.91 29.48
CA LYS F 193 -21.61 -27.10 30.11
C LYS F 193 -22.01 -28.56 30.14
N LEU F 194 -21.52 -29.34 29.17
CA LEU F 194 -21.71 -30.78 29.19
C LEU F 194 -20.90 -31.42 30.29
N LYS F 195 -19.65 -30.98 30.47
CA LYS F 195 -18.81 -31.63 31.46
C LYS F 195 -19.28 -31.38 32.89
N LYS F 196 -19.91 -30.23 33.15
CA LYS F 196 -20.53 -29.97 34.45
C LYS F 196 -21.80 -30.77 34.68
N LEU F 197 -22.24 -31.53 33.69
CA LEU F 197 -23.29 -32.52 33.89
C LEU F 197 -22.72 -33.93 33.79
N GLY F 198 -21.40 -34.06 33.69
CA GLY F 198 -20.80 -35.37 33.54
C GLY F 198 -21.05 -36.03 32.21
N ILE F 199 -21.48 -35.27 31.20
CA ILE F 199 -21.60 -35.77 29.85
C ILE F 199 -20.26 -35.57 29.15
N ASN F 200 -19.66 -36.69 28.74
CA ASN F 200 -18.34 -36.72 28.12
C ASN F 200 -18.31 -37.56 26.87
N LYS F 201 -19.30 -38.42 26.68
CA LYS F 201 -19.49 -39.20 25.46
C LYS F 201 -20.91 -38.96 24.97
N LEU F 202 -21.11 -39.16 23.66
CA LEU F 202 -22.42 -38.99 23.06
C LEU F 202 -23.49 -39.80 23.78
N VAL F 203 -23.15 -41.00 24.24
CA VAL F 203 -24.17 -41.90 24.76
C VAL F 203 -24.67 -41.47 26.13
N ASP F 204 -23.85 -40.70 26.87
CA ASP F 204 -24.29 -40.19 28.17
C ASP F 204 -25.53 -39.31 28.03
N THR F 205 -25.74 -38.72 26.85
CA THR F 205 -26.93 -37.92 26.60
C THR F 205 -28.21 -38.75 26.61
N LEU F 206 -28.11 -40.06 26.41
CA LEU F 206 -29.26 -40.93 26.53
C LEU F 206 -29.64 -41.18 27.99
N SER F 207 -28.67 -41.07 28.90
CA SER F 207 -28.86 -41.40 30.30
C SER F 207 -29.44 -40.25 31.09
N ILE F 208 -29.50 -39.08 30.50
CA ILE F 208 -29.89 -37.87 31.22
C ILE F 208 -31.31 -37.51 30.84
N GLU F 209 -32.08 -37.09 31.83
CA GLU F 209 -33.39 -36.53 31.56
C GLU F 209 -33.24 -35.38 30.58
N PHE F 210 -34.21 -35.28 29.66
CA PHE F 210 -34.06 -34.35 28.54
C PHE F 210 -34.06 -32.90 29.00
N ASP F 211 -35.00 -32.54 29.86
CA ASP F 211 -35.25 -31.13 30.13
C ASP F 211 -34.08 -30.45 30.85
N LYS F 212 -33.28 -31.21 31.61
CA LYS F 212 -32.10 -30.59 32.20
C LYS F 212 -31.01 -30.45 31.15
N LEU F 213 -30.91 -31.41 30.22
CA LEU F 213 -30.03 -31.23 29.07
C LEU F 213 -30.50 -30.05 28.21
N LYS F 214 -31.81 -29.96 27.95
CA LYS F 214 -32.34 -28.87 27.15
C LYS F 214 -32.13 -27.52 27.83
N GLY F 215 -32.17 -27.50 29.17
CA GLY F 215 -31.96 -26.24 29.87
C GLY F 215 -30.53 -25.77 29.89
N MET F 216 -29.57 -26.69 29.79
CA MET F 216 -28.17 -26.30 29.89
C MET F 216 -27.58 -25.90 28.53
N ILE F 217 -27.87 -26.64 27.47
CA ILE F 217 -27.24 -26.40 26.17
C ILE F 217 -28.21 -25.90 25.12
N GLY F 218 -29.51 -25.91 25.39
CA GLY F 218 -30.52 -25.51 24.43
C GLY F 218 -31.27 -26.70 23.83
N GLU F 219 -32.50 -26.43 23.39
CA GLU F 219 -33.32 -27.50 22.81
C GLU F 219 -32.71 -28.06 21.52
N ALA F 220 -32.24 -27.18 20.63
CA ALA F 220 -31.71 -27.63 19.35
C ALA F 220 -30.44 -28.46 19.51
N LYS F 221 -29.51 -28.01 20.37
CA LYS F 221 -28.26 -28.74 20.51
C LYS F 221 -28.46 -30.07 21.23
N ALA F 222 -29.42 -30.12 22.15
CA ALA F 222 -29.76 -31.39 22.79
C ALA F 222 -30.33 -32.39 21.79
N LYS F 223 -31.33 -31.96 21.01
CA LYS F 223 -31.92 -32.86 20.02
C LYS F 223 -30.88 -33.29 19.02
N TYR F 224 -30.00 -32.37 18.62
CA TYR F 224 -28.90 -32.73 17.73
C TYR F 224 -28.05 -33.85 18.33
N LEU F 225 -27.57 -33.66 19.57
CA LEU F 225 -26.71 -34.67 20.20
C LEU F 225 -27.43 -36.00 20.41
N ILE F 226 -28.64 -35.97 20.98
CA ILE F 226 -29.39 -37.21 21.20
C ILE F 226 -29.58 -37.95 19.89
N SER F 227 -29.96 -37.22 18.84
CA SER F 227 -30.09 -37.79 17.50
C SER F 227 -28.86 -38.60 17.11
N LEU F 228 -27.67 -38.03 17.29
CA LEU F 228 -26.43 -38.74 16.97
C LEU F 228 -26.25 -39.95 17.87
N ALA F 229 -26.51 -39.80 19.17
CA ALA F 229 -26.35 -40.90 20.12
C ALA F 229 -27.32 -42.06 19.83
N ARG F 230 -28.49 -41.76 19.29
CA ARG F 230 -29.43 -42.80 18.86
C ARG F 230 -29.14 -43.36 17.48
N ASP F 231 -28.05 -42.94 16.83
CA ASP F 231 -27.76 -43.35 15.44
C ASP F 231 -28.95 -43.07 14.51
N GLU F 232 -29.69 -41.99 14.78
CA GLU F 232 -30.83 -41.58 13.97
C GLU F 232 -30.57 -40.32 13.17
N TYR F 233 -29.40 -39.70 13.32
CA TYR F 233 -29.07 -38.48 12.58
C TYR F 233 -28.97 -38.83 11.10
N ASN F 234 -29.86 -38.30 10.29
CA ASN F 234 -29.85 -38.53 8.84
C ASN F 234 -30.28 -37.22 8.19
N GLU F 235 -29.33 -36.32 7.97
CA GLU F 235 -29.79 -35.06 7.40
C GLU F 235 -29.38 -34.96 5.95
N PRO F 236 -30.19 -34.31 5.11
CA PRO F 236 -29.93 -34.35 3.67
C PRO F 236 -28.79 -33.43 3.27
N ILE F 237 -28.00 -33.91 2.31
CA ILE F 237 -27.11 -33.03 1.57
C ILE F 237 -27.95 -32.07 0.76
N ARG F 238 -27.74 -30.77 0.95
CA ARG F 238 -28.62 -29.77 0.38
C ARG F 238 -27.81 -28.63 -0.20
N THR F 239 -28.23 -28.16 -1.38
CA THR F 239 -27.57 -27.01 -1.99
C THR F 239 -27.80 -25.79 -1.11
N ARG F 240 -26.73 -25.11 -0.75
CA ARG F 240 -26.84 -24.02 0.20
C ARG F 240 -26.95 -22.70 -0.55
N VAL F 241 -27.85 -21.85 -0.11
CA VAL F 241 -28.14 -20.57 -0.74
C VAL F 241 -27.72 -19.47 0.23
N ARG F 242 -26.74 -18.68 -0.17
CA ARG F 242 -26.23 -17.60 0.64
C ARG F 242 -27.38 -16.73 1.18
N LYS F 243 -27.48 -16.64 2.51
CA LYS F 243 -28.59 -15.95 3.15
C LYS F 243 -28.26 -14.57 3.68
N SER F 244 -26.98 -14.25 3.86
CA SER F 244 -26.61 -12.87 4.10
C SER F 244 -25.25 -12.60 3.45
N ILE F 245 -24.97 -11.32 3.21
CA ILE F 245 -23.75 -10.87 2.57
C ILE F 245 -23.34 -9.57 3.24
N GLY F 246 -22.07 -9.43 3.59
CA GLY F 246 -21.69 -8.26 4.34
C GLY F 246 -20.21 -7.97 4.30
N ARG F 247 -19.83 -6.94 5.03
CA ARG F 247 -18.44 -6.58 5.17
C ARG F 247 -18.26 -5.92 6.53
N ILE F 248 -17.11 -6.17 7.17
CA ILE F 248 -16.73 -5.49 8.40
C ILE F 248 -15.25 -5.16 8.30
N VAL F 249 -14.88 -4.00 8.84
CA VAL F 249 -13.52 -3.45 8.71
C VAL F 249 -13.02 -2.98 10.07
N THR F 250 -11.71 -2.80 10.14
CA THR F 250 -11.08 -2.30 11.34
C THR F 250 -10.59 -0.87 11.09
N MET F 251 -11.08 0.05 11.94
CA MET F 251 -10.64 1.45 11.93
C MET F 251 -9.27 1.60 12.57
N LYS F 252 -8.49 2.53 12.02
CA LYS F 252 -7.09 2.67 12.43
C LYS F 252 -6.95 3.19 13.86
N ARG F 253 -8.02 3.73 14.46
CA ARG F 253 -8.04 4.03 15.89
C ARG F 253 -9.47 3.96 16.38
N ASN F 254 -9.62 3.58 17.65
CA ASN F 254 -10.94 3.54 18.27
C ASN F 254 -11.59 4.92 18.29
N SER F 255 -12.91 4.94 18.17
CA SER F 255 -13.59 6.22 17.99
C SER F 255 -15.06 6.10 18.34
N ARG F 256 -15.65 7.25 18.68
CA ARG F 256 -17.09 7.40 18.81
C ARG F 256 -17.63 8.45 17.86
N ASN F 257 -16.74 9.11 17.11
CA ASN F 257 -17.09 10.25 16.27
C ASN F 257 -17.80 9.79 14.99
N LEU F 258 -19.06 10.19 14.82
CA LEU F 258 -19.81 9.82 13.62
C LEU F 258 -19.11 10.24 12.33
N GLU F 259 -18.49 11.42 12.30
CA GLU F 259 -17.81 11.84 11.07
C GLU F 259 -16.61 10.97 10.77
N GLU F 260 -15.91 10.51 11.82
CA GLU F 260 -14.70 9.71 11.68
C GLU F 260 -15.01 8.27 11.26
N ILE F 261 -16.15 7.72 11.69
CA ILE F 261 -16.52 6.35 11.40
C ILE F 261 -17.18 6.18 10.04
N LYS F 262 -17.89 7.19 9.54
CA LYS F 262 -18.63 7.06 8.29
C LYS F 262 -17.80 6.60 7.09
N PRO F 263 -16.52 6.98 6.92
CA PRO F 263 -15.78 6.42 5.76
C PRO F 263 -15.65 4.91 5.81
N TYR F 264 -15.21 4.35 6.95
CA TYR F 264 -15.18 2.90 7.13
C TYR F 264 -16.55 2.27 6.87
N LEU F 265 -17.62 2.88 7.37
CA LEU F 265 -18.93 2.29 7.18
C LEU F 265 -19.33 2.33 5.70
N PHE F 266 -18.97 3.39 4.98
CA PHE F 266 -19.43 3.49 3.60
C PHE F 266 -18.67 2.53 2.68
N ARG F 267 -17.38 2.31 2.96
CA ARG F 267 -16.63 1.30 2.23
C ARG F 267 -17.29 -0.06 2.37
N ALA F 268 -17.65 -0.43 3.61
CA ALA F 268 -18.29 -1.72 3.81
C ALA F 268 -19.61 -1.81 3.05
N ILE F 269 -20.35 -0.69 2.97
CA ILE F 269 -21.55 -0.69 2.14
C ILE F 269 -21.20 -0.88 0.67
N GLU F 270 -20.25 -0.09 0.15
CA GLU F 270 -19.83 -0.23 -1.25
C GLU F 270 -19.34 -1.63 -1.58
N GLU F 271 -18.51 -2.20 -0.70
CA GLU F 271 -18.03 -3.56 -0.95
C GLU F 271 -19.19 -4.55 -0.93
N SER F 272 -20.09 -4.41 0.05
CA SER F 272 -21.19 -5.37 0.21
C SER F 272 -22.08 -5.39 -1.04
N TYR F 273 -22.31 -4.21 -1.63
CA TYR F 273 -23.12 -4.14 -2.83
C TYR F 273 -22.45 -4.81 -4.00
N TYR F 274 -21.13 -4.61 -4.13
CA TYR F 274 -20.39 -5.33 -5.15
C TYR F 274 -20.65 -6.83 -5.04
N LYS F 275 -20.52 -7.36 -3.82
CA LYS F 275 -20.75 -8.79 -3.58
C LYS F 275 -22.21 -9.16 -3.79
N LEU F 276 -23.13 -8.21 -3.60
CA LEU F 276 -24.55 -8.51 -3.67
C LEU F 276 -24.97 -8.91 -5.07
N ASP F 277 -24.54 -8.14 -6.08
CA ASP F 277 -24.57 -8.58 -7.47
C ASP F 277 -25.93 -9.13 -7.92
N LYS F 278 -26.85 -8.24 -8.29
CA LYS F 278 -28.19 -8.60 -8.75
C LYS F 278 -29.10 -9.02 -7.59
N ARG F 279 -28.52 -9.49 -6.47
CA ARG F 279 -29.33 -9.76 -5.29
C ARG F 279 -29.79 -8.46 -4.66
N ILE F 280 -31.04 -8.42 -4.23
CA ILE F 280 -31.61 -7.22 -3.65
C ILE F 280 -32.00 -7.50 -2.19
N PRO F 281 -31.51 -6.74 -1.23
CA PRO F 281 -31.81 -7.00 0.18
C PRO F 281 -32.98 -6.18 0.71
N LYS F 282 -33.81 -6.82 1.55
CA LYS F 282 -34.81 -6.09 2.31
C LYS F 282 -34.39 -5.81 3.75
N ALA F 283 -33.24 -6.34 4.19
CA ALA F 283 -32.82 -6.17 5.57
C ALA F 283 -31.38 -5.73 5.60
N ILE F 284 -31.02 -4.99 6.66
CA ILE F 284 -29.68 -4.47 6.83
C ILE F 284 -29.37 -4.40 8.32
N HIS F 285 -28.11 -4.64 8.67
CA HIS F 285 -27.69 -4.60 10.05
C HIS F 285 -26.34 -3.93 10.11
N VAL F 286 -26.12 -3.16 11.16
CA VAL F 286 -24.86 -2.48 11.37
C VAL F 286 -24.19 -3.16 12.56
N VAL F 287 -22.91 -3.45 12.44
CA VAL F 287 -22.23 -4.30 13.41
C VAL F 287 -21.06 -3.51 13.96
N ALA F 288 -20.97 -3.43 15.28
CA ALA F 288 -19.87 -2.72 15.90
C ALA F 288 -19.16 -3.62 16.88
N VAL F 289 -17.85 -3.56 16.86
CA VAL F 289 -17.01 -4.23 17.83
C VAL F 289 -16.41 -3.12 18.70
N THR F 290 -16.92 -3.03 19.93
CA THR F 290 -16.45 -2.08 20.92
C THR F 290 -14.99 -2.39 21.30
N GLU F 291 -14.30 -1.41 21.87
CA GLU F 291 -12.88 -1.61 22.12
C GLU F 291 -12.60 -2.63 23.21
N ASP F 292 -13.59 -3.00 24.02
CA ASP F 292 -13.49 -4.16 24.91
C ASP F 292 -13.83 -5.47 24.19
N LEU F 293 -14.01 -5.41 22.87
CA LEU F 293 -14.21 -6.55 21.96
C LEU F 293 -15.57 -7.21 22.13
N ASP F 294 -16.54 -6.55 22.76
CA ASP F 294 -17.90 -7.07 22.62
C ASP F 294 -18.45 -6.70 21.25
N ILE F 295 -19.55 -7.35 20.89
CA ILE F 295 -20.16 -7.25 19.58
C ILE F 295 -21.58 -6.74 19.78
N VAL F 296 -21.89 -5.58 19.23
CA VAL F 296 -23.23 -5.01 19.30
C VAL F 296 -23.70 -4.69 17.89
N SER F 297 -25.02 -4.68 17.72
CA SER F 297 -25.58 -4.52 16.40
C SER F 297 -26.98 -3.92 16.48
N ARG F 298 -27.35 -3.21 15.41
CA ARG F 298 -28.68 -2.61 15.24
C ARG F 298 -29.14 -2.85 13.81
N GLY F 299 -30.34 -3.37 13.64
CA GLY F 299 -30.81 -3.71 12.31
C GLY F 299 -32.17 -3.09 12.04
N ARG F 300 -32.66 -3.35 10.83
CA ARG F 300 -33.99 -2.92 10.39
C ARG F 300 -34.36 -3.71 9.15
N THR F 301 -35.49 -4.42 9.18
CA THR F 301 -36.09 -5.00 8.00
C THR F 301 -36.96 -3.94 7.35
N PHE F 302 -37.11 -4.05 6.04
CA PHE F 302 -37.97 -3.15 5.30
C PHE F 302 -39.04 -3.96 4.61
N PRO F 303 -40.21 -3.37 4.36
CA PRO F 303 -41.23 -4.11 3.59
C PRO F 303 -40.72 -4.35 2.17
N HIS F 304 -39.65 -3.65 1.81
CA HIS F 304 -39.16 -3.80 0.42
C HIS F 304 -37.66 -3.53 0.28
N GLY F 305 -37.08 -4.11 -0.77
CA GLY F 305 -35.75 -3.92 -1.30
C GLY F 305 -35.07 -2.61 -1.00
N ILE F 306 -33.76 -2.66 -0.75
CA ILE F 306 -32.98 -1.52 -0.29
C ILE F 306 -32.04 -1.07 -1.41
N SER F 307 -32.21 0.18 -1.83
CA SER F 307 -31.30 0.85 -2.74
C SER F 307 -30.00 1.20 -2.02
N LYS F 308 -28.93 1.38 -2.79
CA LYS F 308 -27.67 1.77 -2.18
C LYS F 308 -27.81 3.07 -1.41
N GLU F 309 -28.54 4.03 -1.99
CA GLU F 309 -28.71 5.34 -1.34
C GLU F 309 -29.45 5.19 -0.02
N THR F 310 -30.50 4.36 0.01
CA THR F 310 -31.16 4.04 1.26
C THR F 310 -30.19 3.43 2.27
N ALA F 311 -29.55 2.32 1.89
CA ALA F 311 -28.55 1.64 2.69
C ALA F 311 -27.59 2.64 3.33
N TYR F 312 -27.12 3.57 2.50
CA TYR F 312 -26.27 4.64 2.98
C TYR F 312 -26.92 5.40 4.13
N SER F 313 -28.16 5.84 3.96
CA SER F 313 -28.77 6.67 4.99
C SER F 313 -29.18 5.83 6.20
N GLU F 314 -29.86 4.71 5.96
CA GLU F 314 -30.34 3.88 7.08
C GLU F 314 -29.20 3.38 7.94
N SER F 315 -28.00 3.20 7.38
CA SER F 315 -26.91 2.72 8.21
C SER F 315 -26.41 3.80 9.14
N VAL F 316 -26.50 5.07 8.74
CA VAL F 316 -26.07 6.13 9.65
C VAL F 316 -27.05 6.26 10.81
N LYS F 317 -28.34 6.07 10.54
CA LYS F 317 -29.30 6.04 11.64
C LYS F 317 -28.95 4.90 12.61
N LEU F 318 -28.84 3.68 12.07
CA LEU F 318 -28.54 2.53 12.92
C LEU F 318 -27.23 2.71 13.67
N LEU F 319 -26.22 3.32 13.04
CA LEU F 319 -24.97 3.55 13.74
C LEU F 319 -25.12 4.57 14.87
N GLN F 320 -25.96 5.59 14.67
CA GLN F 320 -26.23 6.50 15.77
C GLN F 320 -26.99 5.78 16.89
N LYS F 321 -27.99 4.96 16.54
CA LYS F 321 -28.71 4.16 17.53
C LYS F 321 -27.76 3.30 18.36
N ILE F 322 -26.54 3.06 17.88
CA ILE F 322 -25.54 2.32 18.65
C ILE F 322 -24.77 3.26 19.58
N LEU F 323 -24.29 4.39 19.06
CA LEU F 323 -23.60 5.34 19.91
C LEU F 323 -24.55 5.98 20.93
N GLU F 324 -25.84 6.08 20.59
CA GLU F 324 -26.82 6.52 21.57
C GLU F 324 -26.84 5.57 22.76
N GLU F 325 -27.01 4.28 22.49
CA GLU F 325 -27.35 3.33 23.54
C GLU F 325 -26.15 2.65 24.16
N ASP F 326 -24.94 2.86 23.64
CA ASP F 326 -23.73 2.29 24.21
C ASP F 326 -22.68 3.39 24.40
N GLU F 327 -21.91 3.25 25.49
CA GLU F 327 -20.97 4.26 25.96
C GLU F 327 -19.54 4.06 25.46
N ARG F 328 -19.17 2.83 25.13
CA ARG F 328 -17.80 2.46 24.80
C ARG F 328 -17.41 3.00 23.42
N LYS F 329 -16.10 3.08 23.19
CA LYS F 329 -15.64 3.43 21.85
C LYS F 329 -15.81 2.23 20.90
N ILE F 330 -15.67 2.49 19.61
CA ILE F 330 -15.82 1.47 18.57
C ILE F 330 -14.46 1.19 17.94
N ARG F 331 -14.21 -0.08 17.65
CA ARG F 331 -12.97 -0.59 17.06
C ARG F 331 -13.16 -1.13 15.66
N ARG F 332 -14.29 -1.76 15.37
CA ARG F 332 -14.56 -2.34 14.05
C ARG F 332 -16.01 -2.08 13.71
N ILE F 333 -16.23 -1.54 12.51
CA ILE F 333 -17.57 -1.26 12.02
C ILE F 333 -17.85 -2.11 10.78
N GLY F 334 -19.10 -2.51 10.62
CA GLY F 334 -19.44 -3.23 9.40
C GLY F 334 -20.93 -3.25 9.18
N VAL F 335 -21.31 -3.79 8.02
CA VAL F 335 -22.69 -3.85 7.56
C VAL F 335 -23.00 -5.26 7.08
N ARG F 336 -24.27 -5.62 7.13
CA ARG F 336 -24.72 -6.95 6.73
C ARG F 336 -26.11 -6.87 6.11
N PHE F 337 -26.29 -7.47 4.94
CA PHE F 337 -27.55 -7.41 4.21
C PHE F 337 -28.17 -8.80 4.13
N SER F 338 -29.48 -8.87 4.37
CA SER F 338 -30.20 -10.15 4.40
C SER F 338 -31.58 -9.97 3.81
N LYS F 339 -32.32 -11.08 3.75
CA LYS F 339 -33.70 -11.13 3.21
C LYS F 339 -33.71 -10.64 1.76
N PHE F 340 -33.17 -11.49 0.89
CA PHE F 340 -33.05 -11.15 -0.51
C PHE F 340 -34.37 -11.42 -1.22
N ILE F 341 -34.49 -10.85 -2.43
CA ILE F 341 -35.66 -11.06 -3.28
C ILE F 341 -35.35 -12.06 -4.39
MG MG G . 18.86 23.02 -2.97
MG MG H . 20.21 21.24 0.20
N1 DZ4 I . 15.28 13.70 -7.18
C2 DZ4 I . 14.26 13.90 -6.27
N3 DZ4 I . 14.47 14.87 -5.31
C4 DZ4 I . 15.63 15.57 -5.27
C5 DZ4 I . 16.59 15.36 -6.16
C6 DZ4 I . 16.41 14.42 -7.12
N6 DZ4 I . 17.38 14.21 -7.99
N7 DZ4 I . 17.58 16.21 -5.86
C8 DZ4 I . 17.25 16.92 -4.80
N9 DZ4 I . 16.04 16.52 -4.44
PA DZ4 I . 19.62 19.73 -2.65
PB DZ4 I . 20.08 18.07 -0.21
PG DZ4 I . 22.74 19.30 0.32
C1' DZ4 I . 15.14 16.93 -3.36
O1A DZ4 I . 19.64 20.94 -1.82
O1B DZ4 I . 19.43 16.81 0.00
O1G DZ4 I . 22.85 19.32 1.76
C2' DZ4 I . 15.51 16.24 -2.04
O2A DZ4 I . 20.15 19.76 -4.02
O2B DZ4 I . 19.43 19.21 0.46
O2G DZ4 I . 21.94 20.37 -0.32
C3' DZ4 I . 16.65 17.07 -1.60
O3' DZ4 I . 16.95 16.84 -0.21
N3A DZ4 I . 20.36 18.32 -1.86
O3B DZ4 I . 21.65 18.00 0.20
O3G DZ4 I . 23.79 18.65 -0.50
C4' DZ4 I . 16.02 18.44 -1.77
O4' DZ4 I . 15.42 18.32 -3.13
C5' DZ4 I . 17.10 19.47 -1.62
O5' DZ4 I . 18.04 19.28 -2.69
MG MG J . -12.54 -26.28 6.14
MG MG K . -9.05 -27.38 5.32
N1 DZ4 L . -9.95 -16.63 9.83
C2 DZ4 L . -9.82 -16.38 8.46
N3 DZ4 L . -9.80 -17.49 7.63
C4 DZ4 L . -9.89 -18.74 8.13
C5 DZ4 L . -10.02 -18.94 9.45
C6 DZ4 L . -10.03 -17.88 10.29
N6 DZ4 L . -10.13 -18.13 11.60
N7 DZ4 L . -10.09 -20.26 9.62
C8 DZ4 L . -10.01 -20.87 8.45
N9 DZ4 L . -9.89 -19.92 7.52
PA DZ4 L . -9.95 -25.01 7.51
PB DZ4 L . -7.12 -25.18 6.70
PG DZ4 L . -6.91 -27.97 7.57
C1' DZ4 L . -9.74 -19.95 6.04
O1A DZ4 L . -10.20 -26.06 6.53
O1B DZ4 L . -6.21 -24.04 6.59
O1G DZ4 L . -8.31 -27.83 7.24
C2' DZ4 L . -8.31 -20.26 5.60
O2A DZ4 L . -10.75 -24.98 8.73
O2B DZ4 L . -7.71 -25.64 5.41
O2G DZ4 L . -6.57 -28.23 8.93
C3' DZ4 L . -8.28 -21.74 5.75
O3' DZ4 L . -7.18 -22.34 5.01
N3A DZ4 L . -8.28 -24.87 7.94
O3B DZ4 L . -6.36 -26.44 7.49
O3G DZ4 L . -6.03 -28.47 6.56
C4' DZ4 L . -9.54 -22.04 5.01
O4' DZ4 L . -10.51 -21.03 5.52
C5' DZ4 L . -9.90 -23.48 5.30
O5' DZ4 L . -10.21 -23.63 6.68
#